data_1EDR
# 
_entry.id   1EDR 
# 
_audit_conform.dict_name       mmcif_pdbx.dic 
_audit_conform.dict_version    5.386 
_audit_conform.dict_location   http://mmcif.pdb.org/dictionaries/ascii/mmcif_pdbx.dic 
# 
loop_
_database_2.database_id 
_database_2.database_code 
_database_2.pdbx_database_accession 
_database_2.pdbx_DOI 
PDB   1EDR         pdb_00001edr 10.2210/pdb1edr/pdb 
NDB   BD0031       ?            ?                   
RCSB  RCSB010471   ?            ?                   
WWPDB D_1000010471 ?            ?                   
# 
loop_
_pdbx_audit_revision_history.ordinal 
_pdbx_audit_revision_history.data_content_type 
_pdbx_audit_revision_history.major_revision 
_pdbx_audit_revision_history.minor_revision 
_pdbx_audit_revision_history.revision_date 
1 'Structure model' 1 0 2000-02-16 
2 'Structure model' 1 1 2008-04-27 
3 'Structure model' 1 2 2011-07-13 
4 'Structure model' 1 3 2024-02-07 
# 
_pdbx_audit_revision_details.ordinal             1 
_pdbx_audit_revision_details.revision_ordinal    1 
_pdbx_audit_revision_details.data_content_type   'Structure model' 
_pdbx_audit_revision_details.provider            repository 
_pdbx_audit_revision_details.type                'Initial release' 
_pdbx_audit_revision_details.description         ? 
_pdbx_audit_revision_details.details             ? 
# 
loop_
_pdbx_audit_revision_group.ordinal 
_pdbx_audit_revision_group.revision_ordinal 
_pdbx_audit_revision_group.data_content_type 
_pdbx_audit_revision_group.group 
1 2 'Structure model' 'Version format compliance' 
2 3 'Structure model' 'Version format compliance' 
3 4 'Structure model' 'Data collection'           
4 4 'Structure model' 'Database references'       
5 4 'Structure model' 'Derived calculations'      
# 
loop_
_pdbx_audit_revision_category.ordinal 
_pdbx_audit_revision_category.revision_ordinal 
_pdbx_audit_revision_category.data_content_type 
_pdbx_audit_revision_category.category 
1 4 'Structure model' chem_comp_atom         
2 4 'Structure model' chem_comp_bond         
3 4 'Structure model' database_2             
4 4 'Structure model' pdbx_struct_conn_angle 
5 4 'Structure model' struct_conn            
6 4 'Structure model' struct_conn_type       
7 4 'Structure model' struct_site            
# 
loop_
_pdbx_audit_revision_item.ordinal 
_pdbx_audit_revision_item.revision_ordinal 
_pdbx_audit_revision_item.data_content_type 
_pdbx_audit_revision_item.item 
1  4 'Structure model' '_database_2.pdbx_DOI'                        
2  4 'Structure model' '_database_2.pdbx_database_accession'         
3  4 'Structure model' '_pdbx_struct_conn_angle.ptnr1_auth_asym_id'  
4  4 'Structure model' '_pdbx_struct_conn_angle.ptnr1_auth_seq_id'   
5  4 'Structure model' '_pdbx_struct_conn_angle.ptnr1_label_asym_id' 
6  4 'Structure model' '_pdbx_struct_conn_angle.ptnr3_auth_asym_id'  
7  4 'Structure model' '_pdbx_struct_conn_angle.ptnr3_auth_seq_id'   
8  4 'Structure model' '_pdbx_struct_conn_angle.ptnr3_label_asym_id' 
9  4 'Structure model' '_pdbx_struct_conn_angle.value'               
10 4 'Structure model' '_struct_conn.conn_type_id'                   
11 4 'Structure model' '_struct_conn.id'                             
12 4 'Structure model' '_struct_conn.pdbx_dist_value'                
13 4 'Structure model' '_struct_conn.pdbx_leaving_atom_flag'         
14 4 'Structure model' '_struct_conn.ptnr1_auth_asym_id'             
15 4 'Structure model' '_struct_conn.ptnr1_auth_comp_id'             
16 4 'Structure model' '_struct_conn.ptnr1_auth_seq_id'              
17 4 'Structure model' '_struct_conn.ptnr1_label_asym_id'            
18 4 'Structure model' '_struct_conn.ptnr1_label_atom_id'            
19 4 'Structure model' '_struct_conn.ptnr1_label_comp_id'            
20 4 'Structure model' '_struct_conn.ptnr1_label_seq_id'             
21 4 'Structure model' '_struct_conn.ptnr2_auth_asym_id'             
22 4 'Structure model' '_struct_conn.ptnr2_auth_comp_id'             
23 4 'Structure model' '_struct_conn.ptnr2_auth_seq_id'              
24 4 'Structure model' '_struct_conn.ptnr2_label_asym_id'            
25 4 'Structure model' '_struct_conn.ptnr2_label_atom_id'            
26 4 'Structure model' '_struct_conn.ptnr2_label_comp_id'            
27 4 'Structure model' '_struct_conn.ptnr2_label_seq_id'             
28 4 'Structure model' '_struct_conn_type.id'                        
29 4 'Structure model' '_struct_site.pdbx_auth_asym_id'              
30 4 'Structure model' '_struct_site.pdbx_auth_comp_id'              
31 4 'Structure model' '_struct_site.pdbx_auth_seq_id'               
# 
_pdbx_database_status.status_code                     REL 
_pdbx_database_status.entry_id                        1EDR 
_pdbx_database_status.recvd_initial_deposition_date   2000-01-28 
_pdbx_database_status.deposit_site                    RCSB 
_pdbx_database_status.process_site                    RCSB 
_pdbx_database_status.SG_entry                        . 
_pdbx_database_status.pdb_format_compatible           Y 
_pdbx_database_status.status_code_mr                  ? 
_pdbx_database_status.status_code_sf                  ? 
_pdbx_database_status.status_code_cs                  ? 
_pdbx_database_status.status_code_nmr_data            ? 
_pdbx_database_status.methods_development_category    ? 
# 
_pdbx_database_related.db_name        NDB 
_pdbx_database_related.db_id          BD0010 
_pdbx_database_related.details        'BD0010 IS THE SAME DNA DODECAMER AT 2.0 ANGSTROM' 
_pdbx_database_related.content_type   unspecified 
# 
loop_
_audit_author.name 
_audit_author.pdbx_ordinal 
'Chatake, T.'  1 
'Hikima, T.'   2 
'Ono, A.'      3 
'Ueno, Y.'     4 
'Matsuda, A.'  5 
'Takenaka, A.' 6 
# 
_citation.id                        primary 
_citation.title                     
;Crystallographic studies on damaged DNAs. II. N(6)-methoxyadenine can present two alternate faces for Watson-Crick base-pairing, leading to pyrimidine transition mutagenesis.
;
_citation.journal_abbrev            J.Mol.Biol. 
_citation.journal_volume            294 
_citation.page_first                1223 
_citation.page_last                 1230 
_citation.year                      1999 
_citation.journal_id_ASTM           JMOBAK 
_citation.country                   UK 
_citation.journal_id_ISSN           0022-2836 
_citation.journal_id_CSD            0070 
_citation.book_publisher            ? 
_citation.pdbx_database_id_PubMed   10600380 
_citation.pdbx_database_id_DOI      10.1006/jmbi.1999.3304 
# 
loop_
_citation_author.citation_id 
_citation_author.name 
_citation_author.ordinal 
_citation_author.identifier_ORCID 
primary 'Chatake, T.'  1 ? 
primary 'Hikima, T.'   2 ? 
primary 'Ono, A.'      3 ? 
primary 'Ueno, Y.'     4 ? 
primary 'Matsuda, A.'  5 ? 
primary 'Takenaka, A.' 6 ? 
# 
loop_
_entity.id 
_entity.type 
_entity.src_method 
_entity.pdbx_description 
_entity.formula_weight 
_entity.pdbx_number_of_molecules 
_entity.pdbx_ec 
_entity.pdbx_mutation 
_entity.pdbx_fragment 
_entity.details 
1 polymer     syn "5'-D(*CP*GP*CP*GP*(A47)AP*AP*TP*TP*CP*GP*CP*G)-3'" 3693.418 2   ? ? ? ? 
2 non-polymer syn 'MAGNESIUM ION'                                     24.305   1   ? ? ? ? 
3 non-polymer syn SPERMINE                                            202.340  1   ? ? ? ? 
4 water       nat water                                               18.015   126 ? ? ? ? 
# 
_entity_poly.entity_id                      1 
_entity_poly.type                           polydeoxyribonucleotide 
_entity_poly.nstd_linkage                   no 
_entity_poly.nstd_monomer                   yes 
_entity_poly.pdbx_seq_one_letter_code       '(DC)(DG)(DC)(DG)(A47)(DA)(DT)(DT)(DC)(DG)(DC)(DG)' 
_entity_poly.pdbx_seq_one_letter_code_can   CGCGAATTCGCG 
_entity_poly.pdbx_strand_id                 A,B 
_entity_poly.pdbx_target_identifier         ? 
# 
loop_
_pdbx_entity_nonpoly.entity_id 
_pdbx_entity_nonpoly.name 
_pdbx_entity_nonpoly.comp_id 
2 'MAGNESIUM ION' MG  
3 SPERMINE        SPM 
4 water           HOH 
# 
loop_
_entity_poly_seq.entity_id 
_entity_poly_seq.num 
_entity_poly_seq.mon_id 
_entity_poly_seq.hetero 
1 1  DC  n 
1 2  DG  n 
1 3  DC  n 
1 4  DG  n 
1 5  A47 n 
1 6  DA  n 
1 7  DT  n 
1 8  DT  n 
1 9  DC  n 
1 10 DG  n 
1 11 DC  n 
1 12 DG  n 
# 
loop_
_chem_comp.id 
_chem_comp.type 
_chem_comp.mon_nstd_flag 
_chem_comp.name 
_chem_comp.pdbx_synonyms 
_chem_comp.formula 
_chem_comp.formula_weight 
A47 'DNA linking' n 
;N6-METHOXY ADENOSINE 5'-MONOPHOSPHATE
;
? 'C11 H16 N5 O7 P' 361.248 
DA  'DNA linking' y "2'-DEOXYADENOSINE-5'-MONOPHOSPHATE"    ? 'C10 H14 N5 O6 P' 331.222 
DC  'DNA linking' y "2'-DEOXYCYTIDINE-5'-MONOPHOSPHATE"     ? 'C9 H14 N3 O7 P'  307.197 
DG  'DNA linking' y "2'-DEOXYGUANOSINE-5'-MONOPHOSPHATE"    ? 'C10 H14 N5 O7 P' 347.221 
DT  'DNA linking' y "THYMIDINE-5'-MONOPHOSPHATE"            ? 'C10 H15 N2 O8 P' 322.208 
HOH non-polymer   . WATER                                   ? 'H2 O'            18.015  
MG  non-polymer   . 'MAGNESIUM ION'                         ? 'Mg 2'            24.305  
SPM non-polymer   . SPERMINE                                ? 'C10 H26 N4'      202.340 
# 
loop_
_pdbx_poly_seq_scheme.asym_id 
_pdbx_poly_seq_scheme.entity_id 
_pdbx_poly_seq_scheme.seq_id 
_pdbx_poly_seq_scheme.mon_id 
_pdbx_poly_seq_scheme.ndb_seq_num 
_pdbx_poly_seq_scheme.pdb_seq_num 
_pdbx_poly_seq_scheme.auth_seq_num 
_pdbx_poly_seq_scheme.pdb_mon_id 
_pdbx_poly_seq_scheme.auth_mon_id 
_pdbx_poly_seq_scheme.pdb_strand_id 
_pdbx_poly_seq_scheme.pdb_ins_code 
_pdbx_poly_seq_scheme.hetero 
A 1 1  DC  1  1  1  DC  C  A . n 
A 1 2  DG  2  2  2  DG  G  A . n 
A 1 3  DC  3  3  3  DC  C  A . n 
A 1 4  DG  4  4  4  DG  G  A . n 
A 1 5  A47 5  5  5  A47 +A A . n 
A 1 6  DA  6  6  6  DA  A  A . n 
A 1 7  DT  7  7  7  DT  T  A . n 
A 1 8  DT  8  8  8  DT  T  A . n 
A 1 9  DC  9  9  9  DC  C  A . n 
A 1 10 DG  10 10 10 DG  G  A . n 
A 1 11 DC  11 11 11 DC  C  A . n 
A 1 12 DG  12 12 12 DG  G  A . n 
B 1 1  DC  1  13 13 DC  C  B . n 
B 1 2  DG  2  14 14 DG  G  B . n 
B 1 3  DC  3  15 15 DC  C  B . n 
B 1 4  DG  4  16 16 DG  G  B . n 
B 1 5  A47 5  17 17 A47 +A B . n 
B 1 6  DA  6  18 18 DA  A  B . n 
B 1 7  DT  7  19 19 DT  T  B . n 
B 1 8  DT  8  20 20 DT  T  B . n 
B 1 9  DC  9  21 21 DC  C  B . n 
B 1 10 DG  10 22 22 DG  G  B . n 
B 1 11 DC  11 23 23 DC  C  B . n 
B 1 12 DG  12 24 24 DG  G  B . n 
# 
loop_
_pdbx_nonpoly_scheme.asym_id 
_pdbx_nonpoly_scheme.entity_id 
_pdbx_nonpoly_scheme.mon_id 
_pdbx_nonpoly_scheme.ndb_seq_num 
_pdbx_nonpoly_scheme.pdb_seq_num 
_pdbx_nonpoly_scheme.auth_seq_num 
_pdbx_nonpoly_scheme.pdb_mon_id 
_pdbx_nonpoly_scheme.auth_mon_id 
_pdbx_nonpoly_scheme.pdb_strand_id 
_pdbx_nonpoly_scheme.pdb_ins_code 
C 2 MG  1  26  26  MG  MO6 A . 
D 3 SPM 1  25  25  SPM SPM B . 
E 4 HOH 1  27  27  HOH HOH A . 
E 4 HOH 2  28  28  HOH HOH A . 
E 4 HOH 3  30  30  HOH HOH A . 
E 4 HOH 4  32  32  HOH HOH A . 
E 4 HOH 5  35  35  HOH HOH A . 
E 4 HOH 6  37  37  HOH HOH A . 
E 4 HOH 7  39  39  HOH HOH A . 
E 4 HOH 8  40  40  HOH HOH A . 
E 4 HOH 9  41  41  HOH HOH A . 
E 4 HOH 10 42  42  HOH HOH A . 
E 4 HOH 11 44  44  HOH HOH A . 
E 4 HOH 12 45  45  HOH HOH A . 
E 4 HOH 13 47  47  HOH HOH A . 
E 4 HOH 14 48  48  HOH HOH A . 
E 4 HOH 15 50  50  HOH HOH A . 
E 4 HOH 16 52  52  HOH HOH A . 
E 4 HOH 17 53  53  HOH HOH A . 
E 4 HOH 18 54  54  HOH HOH A . 
E 4 HOH 19 58  58  HOH HOH A . 
E 4 HOH 20 63  63  HOH HOH A . 
E 4 HOH 21 64  64  HOH HOH A . 
E 4 HOH 22 65  65  HOH HOH A . 
E 4 HOH 23 69  69  HOH HOH A . 
E 4 HOH 24 72  72  HOH HOH A . 
E 4 HOH 25 73  73  HOH HOH A . 
E 4 HOH 26 74  74  HOH HOH A . 
E 4 HOH 27 78  78  HOH HOH A . 
E 4 HOH 28 82  82  HOH HOH A . 
E 4 HOH 29 83  83  HOH HOH A . 
E 4 HOH 30 84  84  HOH HOH A . 
E 4 HOH 31 85  85  HOH HOH A . 
E 4 HOH 32 88  88  HOH HOH A . 
E 4 HOH 33 91  91  HOH HOH A . 
E 4 HOH 34 94  94  HOH HOH A . 
E 4 HOH 35 95  95  HOH HOH A . 
E 4 HOH 36 101 101 HOH HOH A . 
E 4 HOH 37 103 103 HOH HOH A . 
E 4 HOH 38 105 105 HOH HOH A . 
E 4 HOH 39 107 107 HOH HOH A . 
E 4 HOH 40 113 113 HOH HOH A . 
E 4 HOH 41 115 115 HOH HOH A . 
E 4 HOH 42 116 116 HOH HOH A . 
E 4 HOH 43 122 122 HOH HOH A . 
E 4 HOH 44 125 125 HOH HOH A . 
E 4 HOH 45 134 134 HOH HOH A . 
E 4 HOH 46 135 135 HOH HOH A . 
E 4 HOH 47 136 136 HOH HOH A . 
E 4 HOH 48 141 141 HOH HOH A . 
E 4 HOH 49 144 144 HOH HOH A . 
E 4 HOH 50 146 146 HOH HOH A . 
E 4 HOH 51 147 26  HOH MO6 A . 
E 4 HOH 52 148 26  HOH MO6 A . 
E 4 HOH 53 150 26  HOH MO6 A . 
E 4 HOH 54 152 26  HOH MO6 A . 
F 4 HOH 1  29  29  HOH HOH B . 
F 4 HOH 2  31  31  HOH HOH B . 
F 4 HOH 3  33  33  HOH HOH B . 
F 4 HOH 4  34  34  HOH HOH B . 
F 4 HOH 5  36  36  HOH HOH B . 
F 4 HOH 6  38  38  HOH HOH B . 
F 4 HOH 7  43  43  HOH HOH B . 
F 4 HOH 8  46  46  HOH HOH B . 
F 4 HOH 9  49  49  HOH HOH B . 
F 4 HOH 10 51  51  HOH HOH B . 
F 4 HOH 11 55  55  HOH HOH B . 
F 4 HOH 12 56  56  HOH HOH B . 
F 4 HOH 13 57  57  HOH HOH B . 
F 4 HOH 14 59  59  HOH HOH B . 
F 4 HOH 15 60  60  HOH HOH B . 
F 4 HOH 16 61  61  HOH HOH B . 
F 4 HOH 17 62  62  HOH HOH B . 
F 4 HOH 18 66  66  HOH HOH B . 
F 4 HOH 19 67  67  HOH HOH B . 
F 4 HOH 20 68  68  HOH HOH B . 
F 4 HOH 21 70  70  HOH HOH B . 
F 4 HOH 22 71  71  HOH HOH B . 
F 4 HOH 23 75  75  HOH HOH B . 
F 4 HOH 24 76  76  HOH HOH B . 
F 4 HOH 25 77  77  HOH HOH B . 
F 4 HOH 26 79  79  HOH HOH B . 
F 4 HOH 27 80  80  HOH HOH B . 
F 4 HOH 28 81  81  HOH HOH B . 
F 4 HOH 29 86  86  HOH HOH B . 
F 4 HOH 30 87  87  HOH HOH B . 
F 4 HOH 31 89  89  HOH HOH B . 
F 4 HOH 32 90  90  HOH HOH B . 
F 4 HOH 33 92  92  HOH HOH B . 
F 4 HOH 34 93  93  HOH HOH B . 
F 4 HOH 35 96  96  HOH HOH B . 
F 4 HOH 36 97  97  HOH HOH B . 
F 4 HOH 37 98  98  HOH HOH B . 
F 4 HOH 38 99  99  HOH HOH B . 
F 4 HOH 39 100 100 HOH HOH B . 
F 4 HOH 40 102 102 HOH HOH B . 
F 4 HOH 41 104 104 HOH HOH B . 
F 4 HOH 42 106 106 HOH HOH B . 
F 4 HOH 43 108 108 HOH HOH B . 
F 4 HOH 44 109 109 HOH HOH B . 
F 4 HOH 45 110 110 HOH HOH B . 
F 4 HOH 46 111 111 HOH HOH B . 
F 4 HOH 47 112 112 HOH HOH B . 
F 4 HOH 48 114 114 HOH HOH B . 
F 4 HOH 49 117 117 HOH HOH B . 
F 4 HOH 50 118 118 HOH HOH B . 
F 4 HOH 51 119 119 HOH HOH B . 
F 4 HOH 52 120 120 HOH HOH B . 
F 4 HOH 53 121 121 HOH HOH B . 
F 4 HOH 54 123 123 HOH HOH B . 
F 4 HOH 55 124 124 HOH HOH B . 
F 4 HOH 56 126 126 HOH HOH B . 
F 4 HOH 57 127 127 HOH HOH B . 
F 4 HOH 58 128 128 HOH HOH B . 
F 4 HOH 59 129 129 HOH HOH B . 
F 4 HOH 60 130 130 HOH HOH B . 
F 4 HOH 61 131 131 HOH HOH B . 
F 4 HOH 62 132 132 HOH HOH B . 
F 4 HOH 63 133 133 HOH HOH B . 
F 4 HOH 64 137 137 HOH HOH B . 
F 4 HOH 65 138 138 HOH HOH B . 
F 4 HOH 66 139 139 HOH HOH B . 
F 4 HOH 67 140 140 HOH HOH B . 
F 4 HOH 68 142 142 HOH HOH B . 
F 4 HOH 69 143 143 HOH HOH B . 
F 4 HOH 70 145 145 HOH HOH B . 
F 4 HOH 71 149 26  HOH MO6 B . 
F 4 HOH 72 151 26  HOH MO6 B . 
# 
loop_
_software.name 
_software.classification 
_software.version 
_software.citation_id 
_software.pdbx_ordinal 
AMoRE  phasing          .           ? 1 
X-PLOR refinement       3.840       ? 2 
DENZO  'data reduction' .           ? 3 
CCP4   'data scaling'   '(AGROVATA' ? 4 
SCALA  'data scaling'   .           ? 5 
# 
_cell.entry_id           1EDR 
_cell.length_a           25.5 
_cell.length_b           39.8 
_cell.length_c           66.5 
_cell.angle_alpha        90.00 
_cell.angle_beta         90.00 
_cell.angle_gamma        90.00 
_cell.Z_PDB              8 
_cell.pdbx_unique_axis   ? 
# 
_symmetry.entry_id                         1EDR 
_symmetry.space_group_name_H-M             'P 21 21 21' 
_symmetry.pdbx_full_space_group_name_H-M   ? 
_symmetry.cell_setting                     orthorhombic 
_symmetry.Int_Tables_number                19 
# 
_exptl.entry_id          1EDR 
_exptl.method            'X-RAY DIFFRACTION' 
_exptl.crystals_number   2 
# 
_exptl_crystal.id                    1 
_exptl_crystal.density_meas          ? 
_exptl_crystal.density_percent_sol   44.26 
_exptl_crystal.density_Matthews      2.21 
_exptl_crystal.description           ? 
# 
_exptl_crystal_grow.crystal_id      1 
_exptl_crystal_grow.method          'VAPOR DIFFUSION, HANGING DROP' 
_exptl_crystal_grow.temp            277.0 
_exptl_crystal_grow.temp_details    ? 
_exptl_crystal_grow.pH              7.0 
_exptl_crystal_grow.pdbx_details    
;MPD, MAGNESIUM ACETATE, SPERMINE TETRAHYDROCHLORIDE, NACL, SODIUM CACODYLATE, pH 7.0, VAPOR DIFFUSION, HANGING DROP, temperature 277.0K
;
_exptl_crystal_grow.pdbx_pH_range   ? 
# 
loop_
_exptl_crystal_grow_comp.crystal_id 
_exptl_crystal_grow_comp.id 
_exptl_crystal_grow_comp.sol_id 
_exptl_crystal_grow_comp.name 
_exptl_crystal_grow_comp.volume 
_exptl_crystal_grow_comp.conc 
_exptl_crystal_grow_comp.details 
1 1 1 'MAGNESIUM ACETATE'           ? ? ? 
1 2 1 'SPERMINE TETRAHYDROCHLORIDE' ? ? ? 
1 3 1 NACL                          ? ? ? 
1 4 1 'SODIUM CACODYLATE'           ? ? ? 
1 5 1 MPD                           ? ? ? 
1 6 2 MPD                           ? ? ? 
# 
loop_
_diffrn.id 
_diffrn.ambient_temp 
_diffrn.ambient_temp_details 
_diffrn.crystal_id 
1 100 ? 1 
2 110 ? 1 
# 
loop_
_diffrn_detector.diffrn_id 
_diffrn_detector.detector 
_diffrn_detector.type 
_diffrn_detector.pdbx_collection_date 
_diffrn_detector.details 
1 DIFFRACTOMETER WEISSENBERG                    1999-04-17 ? 
2 'IMAGE PLATE'  
;SAKABE'S WEISSSENBERG CAMERA
;
1999-06-20 ? 
# 
loop_
_diffrn_radiation.diffrn_id 
_diffrn_radiation.wavelength_id 
_diffrn_radiation.pdbx_monochromatic_or_laue_m_l 
_diffrn_radiation.monochromator 
_diffrn_radiation.pdbx_diffrn_protocol 
_diffrn_radiation.pdbx_scattering_type 
1 1 M ? 'SINGLE WAVELENGTH' x-ray 
2 1 M ? 'SINGLE WAVELENGTH' x-ray 
# 
_diffrn_radiation_wavelength.id           1 
_diffrn_radiation_wavelength.wavelength   1.0000 
_diffrn_radiation_wavelength.wt           1.0 
# 
loop_
_diffrn_source.diffrn_id 
_diffrn_source.source 
_diffrn_source.type 
_diffrn_source.pdbx_synchrotron_site 
_diffrn_source.pdbx_synchrotron_beamline 
_diffrn_source.pdbx_wavelength 
_diffrn_source.pdbx_wavelength_list 
1 SYNCHROTRON 'PHOTON FACTORY BEAMLINE BL-18B' 'Photon Factory' BL-18B 1.0000 ? 
2 SYNCHROTRON 'PHOTON FACTORY BEAMLINE BL-18B' 'Photon Factory' BL-18B 1.0000 ? 
# 
_reflns.entry_id                     1EDR 
_reflns.observed_criterion_sigma_I   0 
_reflns.observed_criterion_sigma_F   0 
_reflns.d_resolution_low             100 
_reflns.d_resolution_high            1.60 
_reflns.number_obs                   7518 
_reflns.number_all                   7518 
_reflns.percent_possible_obs         79.7 
_reflns.pdbx_Rmerge_I_obs            0.036 
_reflns.pdbx_Rsym_value              ? 
_reflns.pdbx_netI_over_sigmaI        14.4 
_reflns.B_iso_Wilson_estimate        17.9 
_reflns.pdbx_redundancy              3.8 
_reflns.R_free_details               ? 
_reflns.pdbx_diffrn_id               1,2 
_reflns.pdbx_ordinal                 1 
# 
_reflns_shell.d_res_high             1.60 
_reflns_shell.d_res_low              1.69 
_reflns_shell.percent_possible_all   61.9 
_reflns_shell.Rmerge_I_obs           0.085 
_reflns_shell.pdbx_Rsym_value        ? 
_reflns_shell.meanI_over_sigI_obs    ? 
_reflns_shell.pdbx_redundancy        2.6 
_reflns_shell.percent_possible_obs   ? 
_reflns_shell.number_unique_all      ? 
_reflns_shell.pdbx_diffrn_id         ? 
_reflns_shell.pdbx_ordinal           1 
# 
_refine.entry_id                                 1EDR 
_refine.ls_number_reflns_obs                     6836 
_refine.ls_number_reflns_all                     7190 
_refine.pdbx_ls_sigma_I                          ? 
_refine.pdbx_ls_sigma_F                          3.0 
_refine.pdbx_data_cutoff_high_absF               ? 
_refine.pdbx_data_cutoff_low_absF                ? 
_refine.pdbx_data_cutoff_high_rms_absF           ? 
_refine.ls_d_res_low                             5.0 
_refine.ls_d_res_high                            1.60 
_refine.ls_percent_reflns_obs                    95.1 
_refine.ls_R_factor_obs                          0.218 
_refine.ls_R_factor_all                          0.222 
_refine.ls_R_factor_R_work                       0.211 
_refine.ls_R_factor_R_free                       0.27 
_refine.ls_R_factor_R_free_error                 ? 
_refine.ls_R_factor_R_free_error_details         ? 
_refine.ls_percent_reflns_R_free                 10 
_refine.ls_number_reflns_R_free                  690 
_refine.ls_number_parameters                     ? 
_refine.ls_number_restraints                     ? 
_refine.occupancy_min                            ? 
_refine.occupancy_max                            ? 
_refine.B_iso_mean                               ? 
_refine.aniso_B[1][1]                            ? 
_refine.aniso_B[2][2]                            ? 
_refine.aniso_B[3][3]                            ? 
_refine.aniso_B[1][2]                            ? 
_refine.aniso_B[1][3]                            ? 
_refine.aniso_B[2][3]                            ? 
_refine.solvent_model_details                    ? 
_refine.solvent_model_param_ksol                 ? 
_refine.solvent_model_param_bsol                 ? 
_refine.pdbx_ls_cross_valid_method               THROUGHOUT 
_refine.details                                  ? 
_refine.pdbx_starting_model                      ? 
_refine.pdbx_method_to_determine_struct          ? 
_refine.pdbx_isotropic_thermal_model             ? 
_refine.pdbx_stereochemistry_target_values       'PARKINSON ET AL.' 
_refine.pdbx_stereochem_target_val_spec_case     ? 
_refine.pdbx_R_Free_selection_details            RANDOM 
_refine.pdbx_overall_ESU_R                       ? 
_refine.pdbx_overall_ESU_R_Free                  ? 
_refine.overall_SU_ML                            ? 
_refine.overall_SU_B                             ? 
_refine.ls_redundancy_reflns_obs                 ? 
_refine.correlation_coeff_Fo_to_Fc               ? 
_refine.correlation_coeff_Fo_to_Fc_free          ? 
_refine.overall_SU_R_Cruickshank_DPI             ? 
_refine.overall_SU_R_free                        ? 
_refine.pdbx_refine_id                           'X-RAY DIFFRACTION' 
_refine.pdbx_diffrn_id                           1 
_refine.pdbx_TLS_residual_ADP_flag               ? 
_refine.pdbx_solvent_vdw_probe_radii             ? 
_refine.pdbx_solvent_ion_probe_radii             ? 
_refine.pdbx_solvent_shrinkage_radii             ? 
_refine.pdbx_overall_phase_error                 ? 
_refine.pdbx_overall_SU_R_free_Cruickshank_DPI   ? 
_refine.pdbx_overall_SU_R_Blow_DPI               ? 
_refine.pdbx_overall_SU_R_free_Blow_DPI          ? 
# 
_refine_hist.pdbx_refine_id                   'X-RAY DIFFRACTION' 
_refine_hist.cycle_id                         LAST 
_refine_hist.pdbx_number_atoms_protein        0 
_refine_hist.pdbx_number_atoms_nucleic_acid   486 
_refine_hist.pdbx_number_atoms_ligand         25 
_refine_hist.number_atoms_solvent             120 
_refine_hist.number_atoms_total               631 
_refine_hist.d_res_high                       1.60 
_refine_hist.d_res_low                        5.0 
# 
loop_
_refine_ls_restr.type 
_refine_ls_restr.dev_ideal 
_refine_ls_restr.dev_ideal_target 
_refine_ls_restr.weight 
_refine_ls_restr.number 
_refine_ls_restr.pdbx_refine_id 
_refine_ls_restr.pdbx_restraint_function 
x_bond_d                0.005 ? ? ? 'X-RAY DIFFRACTION' ? 
x_bond_d_na             ?     ? ? ? 'X-RAY DIFFRACTION' ? 
x_bond_d_prot           ?     ? ? ? 'X-RAY DIFFRACTION' ? 
x_angle_d               ?     ? ? ? 'X-RAY DIFFRACTION' ? 
x_angle_d_na            ?     ? ? ? 'X-RAY DIFFRACTION' ? 
x_angle_d_prot          ?     ? ? ? 'X-RAY DIFFRACTION' ? 
x_angle_deg             1.1   ? ? ? 'X-RAY DIFFRACTION' ? 
x_angle_deg_na          ?     ? ? ? 'X-RAY DIFFRACTION' ? 
x_angle_deg_prot        ?     ? ? ? 'X-RAY DIFFRACTION' ? 
x_dihedral_angle_d      ?     ? ? ? 'X-RAY DIFFRACTION' ? 
x_dihedral_angle_d_na   ?     ? ? ? 'X-RAY DIFFRACTION' ? 
x_dihedral_angle_d_prot ?     ? ? ? 'X-RAY DIFFRACTION' ? 
x_improper_angle_d      ?     ? ? ? 'X-RAY DIFFRACTION' ? 
x_improper_angle_d_na   ?     ? ? ? 'X-RAY DIFFRACTION' ? 
x_improper_angle_d_prot ?     ? ? ? 'X-RAY DIFFRACTION' ? 
x_mcbond_it             ?     ? ? ? 'X-RAY DIFFRACTION' ? 
x_mcangle_it            ?     ? ? ? 'X-RAY DIFFRACTION' ? 
x_scbond_it             ?     ? ? ? 'X-RAY DIFFRACTION' ? 
x_scangle_it            ?     ? ? ? 'X-RAY DIFFRACTION' ? 
# 
_struct.entry_id                  1EDR 
_struct.title                     'MOLECULAR AND CRYSTAL STRUCTURE OF D(CGCGMO6AATTCGCG) AT 1.6 ANGSTROM' 
_struct.pdbx_model_details        ? 
_struct.pdbx_CASP_flag            ? 
_struct.pdbx_model_type_details   ? 
# 
_struct_keywords.entry_id        1EDR 
_struct_keywords.pdbx_keywords   DNA 
_struct_keywords.text            
'B-DNA, DOUBLE HELIX, DEOXYRIBONUCLEIC ACID, MODIFIED NUCLEOTIDE, METHOXYADENOSINE, DAMAGED DNA, DNA' 
# 
loop_
_struct_asym.id 
_struct_asym.pdbx_blank_PDB_chainid_flag 
_struct_asym.pdbx_modified 
_struct_asym.entity_id 
_struct_asym.details 
A N N 1 ? 
B N N 1 ? 
C N N 2 ? 
D N N 3 ? 
E N N 4 ? 
F N N 4 ? 
# 
_struct_ref.id                         1 
_struct_ref.entity_id                  1 
_struct_ref.db_name                    PDB 
_struct_ref.db_code                    1EDR 
_struct_ref.pdbx_db_accession          1EDR 
_struct_ref.pdbx_db_isoform            ? 
_struct_ref.pdbx_seq_one_letter_code   ? 
_struct_ref.pdbx_align_begin           ? 
# 
loop_
_struct_ref_seq.align_id 
_struct_ref_seq.ref_id 
_struct_ref_seq.pdbx_PDB_id_code 
_struct_ref_seq.pdbx_strand_id 
_struct_ref_seq.seq_align_beg 
_struct_ref_seq.pdbx_seq_align_beg_ins_code 
_struct_ref_seq.seq_align_end 
_struct_ref_seq.pdbx_seq_align_end_ins_code 
_struct_ref_seq.pdbx_db_accession 
_struct_ref_seq.db_align_beg 
_struct_ref_seq.pdbx_db_align_beg_ins_code 
_struct_ref_seq.db_align_end 
_struct_ref_seq.pdbx_db_align_end_ins_code 
_struct_ref_seq.pdbx_auth_seq_align_beg 
_struct_ref_seq.pdbx_auth_seq_align_end 
1 1 1EDR A 1 ? 12 ? 1EDR 1  ? 12 ? 1  12 
2 1 1EDR B 1 ? 12 ? 1EDR 13 ? 24 ? 13 24 
# 
_pdbx_struct_assembly.id                   1 
_pdbx_struct_assembly.details              author_defined_assembly 
_pdbx_struct_assembly.method_details       ? 
_pdbx_struct_assembly.oligomeric_details   dimeric 
_pdbx_struct_assembly.oligomeric_count     2 
# 
_pdbx_struct_assembly_gen.assembly_id       1 
_pdbx_struct_assembly_gen.oper_expression   1 
_pdbx_struct_assembly_gen.asym_id_list      A,B,C,D,E,F 
# 
_pdbx_struct_oper_list.id                   1 
_pdbx_struct_oper_list.type                 'identity operation' 
_pdbx_struct_oper_list.name                 1_555 
_pdbx_struct_oper_list.symmetry_operation   x,y,z 
_pdbx_struct_oper_list.matrix[1][1]         1.0000000000 
_pdbx_struct_oper_list.matrix[1][2]         0.0000000000 
_pdbx_struct_oper_list.matrix[1][3]         0.0000000000 
_pdbx_struct_oper_list.vector[1]            0.0000000000 
_pdbx_struct_oper_list.matrix[2][1]         0.0000000000 
_pdbx_struct_oper_list.matrix[2][2]         1.0000000000 
_pdbx_struct_oper_list.matrix[2][3]         0.0000000000 
_pdbx_struct_oper_list.vector[2]            0.0000000000 
_pdbx_struct_oper_list.matrix[3][1]         0.0000000000 
_pdbx_struct_oper_list.matrix[3][2]         0.0000000000 
_pdbx_struct_oper_list.matrix[3][3]         1.0000000000 
_pdbx_struct_oper_list.vector[3]            0.0000000000 
# 
_struct_biol.id                    1 
_struct_biol.pdbx_parent_biol_id   ? 
_struct_biol.details               ? 
# 
loop_
_struct_conn.id 
_struct_conn.conn_type_id 
_struct_conn.pdbx_leaving_atom_flag 
_struct_conn.pdbx_PDB_id 
_struct_conn.ptnr1_label_asym_id 
_struct_conn.ptnr1_label_comp_id 
_struct_conn.ptnr1_label_seq_id 
_struct_conn.ptnr1_label_atom_id 
_struct_conn.pdbx_ptnr1_label_alt_id 
_struct_conn.pdbx_ptnr1_PDB_ins_code 
_struct_conn.pdbx_ptnr1_standard_comp_id 
_struct_conn.ptnr1_symmetry 
_struct_conn.ptnr2_label_asym_id 
_struct_conn.ptnr2_label_comp_id 
_struct_conn.ptnr2_label_seq_id 
_struct_conn.ptnr2_label_atom_id 
_struct_conn.pdbx_ptnr2_label_alt_id 
_struct_conn.pdbx_ptnr2_PDB_ins_code 
_struct_conn.ptnr1_auth_asym_id 
_struct_conn.ptnr1_auth_comp_id 
_struct_conn.ptnr1_auth_seq_id 
_struct_conn.ptnr2_auth_asym_id 
_struct_conn.ptnr2_auth_comp_id 
_struct_conn.ptnr2_auth_seq_id 
_struct_conn.ptnr2_symmetry 
_struct_conn.pdbx_ptnr3_label_atom_id 
_struct_conn.pdbx_ptnr3_label_seq_id 
_struct_conn.pdbx_ptnr3_label_comp_id 
_struct_conn.pdbx_ptnr3_label_asym_id 
_struct_conn.pdbx_ptnr3_label_alt_id 
_struct_conn.pdbx_ptnr3_PDB_ins_code 
_struct_conn.details 
_struct_conn.pdbx_dist_value 
_struct_conn.pdbx_value_order 
_struct_conn.pdbx_role 
covale1  covale both ? A DG  4  "O3'" ? ? ? 1_555 A A47 5  P  ? ? A DG  4  A A47 5   1_555 ? ? ? ? ? ? ?            1.607 ? ? 
covale2  covale one  ? A A47 5  "O3'" ? ? ? 1_555 A DA  6  P  ? ? A A47 5  A DA  6   1_555 ? ? ? ? ? ? ?            1.606 ? ? 
covale3  covale both ? B DG  4  "O3'" ? ? ? 1_555 B A47 5  P  ? ? B DG  16 B A47 17  1_555 ? ? ? ? ? ? ?            1.607 ? ? 
covale4  covale one  ? B A47 5  "O3'" ? ? ? 1_555 B DA  6  P  ? ? B A47 17 B DA  18  1_555 ? ? ? ? ? ? ?            1.604 ? ? 
metalc1  metalc ?    ? C MG  .  MG    ? ? ? 1_555 E HOH .  O  ? ? A MG  26 A HOH 147 1_555 ? ? ? ? ? ? ?            2.059 ? ? 
metalc2  metalc ?    ? C MG  .  MG    ? ? ? 1_555 E HOH .  O  ? ? A MG  26 A HOH 148 1_555 ? ? ? ? ? ? ?            2.063 ? ? 
metalc3  metalc ?    ? C MG  .  MG    ? ? ? 1_555 E HOH .  O  ? ? A MG  26 A HOH 150 1_555 ? ? ? ? ? ? ?            2.043 ? ? 
metalc4  metalc ?    ? C MG  .  MG    ? ? ? 1_555 E HOH .  O  ? ? A MG  26 A HOH 152 1_555 ? ? ? ? ? ? ?            2.047 ? ? 
metalc5  metalc ?    ? C MG  .  MG    ? ? ? 1_555 F HOH .  O  ? ? A MG  26 B HOH 149 1_555 ? ? ? ? ? ? ?            2.076 ? ? 
metalc6  metalc ?    ? C MG  .  MG    ? ? ? 1_555 F HOH .  O  ? ? A MG  26 B HOH 151 1_555 ? ? ? ? ? ? ?            2.040 ? ? 
hydrog1  hydrog ?    ? A DC  1  N3    ? ? ? 1_555 B DG  12 N1 ? ? A DC  1  B DG  24  1_555 ? ? ? ? ? ? WATSON-CRICK ?     ? ? 
hydrog2  hydrog ?    ? A DC  1  N4    ? ? ? 1_555 B DG  12 O6 ? ? A DC  1  B DG  24  1_555 ? ? ? ? ? ? WATSON-CRICK ?     ? ? 
hydrog3  hydrog ?    ? A DC  1  O2    ? ? ? 1_555 B DG  12 N2 ? ? A DC  1  B DG  24  1_555 ? ? ? ? ? ? WATSON-CRICK ?     ? ? 
hydrog4  hydrog ?    ? A DG  2  N1    ? ? ? 1_555 B DC  11 N3 ? ? A DG  2  B DC  23  1_555 ? ? ? ? ? ? WATSON-CRICK ?     ? ? 
hydrog5  hydrog ?    ? A DG  2  N2    ? ? ? 1_555 B DC  11 O2 ? ? A DG  2  B DC  23  1_555 ? ? ? ? ? ? WATSON-CRICK ?     ? ? 
hydrog6  hydrog ?    ? A DG  2  O6    ? ? ? 1_555 B DC  11 N4 ? ? A DG  2  B DC  23  1_555 ? ? ? ? ? ? WATSON-CRICK ?     ? ? 
hydrog7  hydrog ?    ? A DC  3  N3    ? ? ? 1_555 B DG  10 N1 ? ? A DC  3  B DG  22  1_555 ? ? ? ? ? ? WATSON-CRICK ?     ? ? 
hydrog8  hydrog ?    ? A DC  3  N4    ? ? ? 1_555 B DG  10 O6 ? ? A DC  3  B DG  22  1_555 ? ? ? ? ? ? WATSON-CRICK ?     ? ? 
hydrog9  hydrog ?    ? A DC  3  O2    ? ? ? 1_555 B DG  10 N2 ? ? A DC  3  B DG  22  1_555 ? ? ? ? ? ? WATSON-CRICK ?     ? ? 
hydrog10 hydrog ?    ? A DG  4  N1    ? ? ? 1_555 B DC  9  N3 ? ? A DG  4  B DC  21  1_555 ? ? ? ? ? ? WATSON-CRICK ?     ? ? 
hydrog11 hydrog ?    ? A DG  4  N2    ? ? ? 1_555 B DC  9  O2 ? ? A DG  4  B DC  21  1_555 ? ? ? ? ? ? WATSON-CRICK ?     ? ? 
hydrog12 hydrog ?    ? A DG  4  O6    ? ? ? 1_555 B DC  9  N4 ? ? A DG  4  B DC  21  1_555 ? ? ? ? ? ? WATSON-CRICK ?     ? ? 
hydrog13 hydrog ?    ? A A47 5  N1    ? ? ? 1_555 B DT  8  N3 ? ? A A47 5  B DT  20  1_555 ? ? ? ? ? ? WATSON-CRICK ?     ? ? 
hydrog14 hydrog ?    ? A A47 5  N6    ? ? ? 1_555 B DT  8  O4 ? ? A A47 5  B DT  20  1_555 ? ? ? ? ? ? WATSON-CRICK ?     ? ? 
hydrog15 hydrog ?    ? A DA  6  N1    ? ? ? 1_555 B DT  7  N3 ? ? A DA  6  B DT  19  1_555 ? ? ? ? ? ? WATSON-CRICK ?     ? ? 
hydrog16 hydrog ?    ? A DA  6  N6    ? ? ? 1_555 B DT  7  O4 ? ? A DA  6  B DT  19  1_555 ? ? ? ? ? ? WATSON-CRICK ?     ? ? 
hydrog17 hydrog ?    ? A DT  7  N3    ? ? ? 1_555 B DA  6  N1 ? ? A DT  7  B DA  18  1_555 ? ? ? ? ? ? WATSON-CRICK ?     ? ? 
hydrog18 hydrog ?    ? A DT  7  O4    ? ? ? 1_555 B DA  6  N6 ? ? A DT  7  B DA  18  1_555 ? ? ? ? ? ? WATSON-CRICK ?     ? ? 
hydrog19 hydrog ?    ? A DT  8  N3    ? ? ? 1_555 B A47 5  N1 ? ? A DT  8  B A47 17  1_555 ? ? ? ? ? ? WATSON-CRICK ?     ? ? 
hydrog20 hydrog ?    ? A DT  8  O4    ? ? ? 1_555 B A47 5  N6 ? ? A DT  8  B A47 17  1_555 ? ? ? ? ? ? WATSON-CRICK ?     ? ? 
hydrog21 hydrog ?    ? A DC  9  N3    ? ? ? 1_555 B DG  4  N1 ? ? A DC  9  B DG  16  1_555 ? ? ? ? ? ? WATSON-CRICK ?     ? ? 
hydrog22 hydrog ?    ? A DC  9  N4    ? ? ? 1_555 B DG  4  O6 ? ? A DC  9  B DG  16  1_555 ? ? ? ? ? ? WATSON-CRICK ?     ? ? 
hydrog23 hydrog ?    ? A DC  9  O2    ? ? ? 1_555 B DG  4  N2 ? ? A DC  9  B DG  16  1_555 ? ? ? ? ? ? WATSON-CRICK ?     ? ? 
hydrog24 hydrog ?    ? A DG  10 N1    ? ? ? 1_555 B DC  3  N3 ? ? A DG  10 B DC  15  1_555 ? ? ? ? ? ? WATSON-CRICK ?     ? ? 
hydrog25 hydrog ?    ? A DG  10 N2    ? ? ? 1_555 B DC  3  O2 ? ? A DG  10 B DC  15  1_555 ? ? ? ? ? ? WATSON-CRICK ?     ? ? 
hydrog26 hydrog ?    ? A DG  10 O6    ? ? ? 1_555 B DC  3  N4 ? ? A DG  10 B DC  15  1_555 ? ? ? ? ? ? WATSON-CRICK ?     ? ? 
hydrog27 hydrog ?    ? A DC  11 N3    ? ? ? 1_555 B DG  2  N1 ? ? A DC  11 B DG  14  1_555 ? ? ? ? ? ? WATSON-CRICK ?     ? ? 
hydrog28 hydrog ?    ? A DC  11 N4    ? ? ? 1_555 B DG  2  O6 ? ? A DC  11 B DG  14  1_555 ? ? ? ? ? ? WATSON-CRICK ?     ? ? 
hydrog29 hydrog ?    ? A DC  11 O2    ? ? ? 1_555 B DG  2  N2 ? ? A DC  11 B DG  14  1_555 ? ? ? ? ? ? WATSON-CRICK ?     ? ? 
hydrog30 hydrog ?    ? A DG  12 N1    ? ? ? 1_555 B DC  1  N3 ? ? A DG  12 B DC  13  1_555 ? ? ? ? ? ? WATSON-CRICK ?     ? ? 
hydrog31 hydrog ?    ? A DG  12 N2    ? ? ? 1_555 B DC  1  O2 ? ? A DG  12 B DC  13  1_555 ? ? ? ? ? ? WATSON-CRICK ?     ? ? 
hydrog32 hydrog ?    ? A DG  12 O6    ? ? ? 1_555 B DC  1  N4 ? ? A DG  12 B DC  13  1_555 ? ? ? ? ? ? WATSON-CRICK ?     ? ? 
# 
loop_
_struct_conn_type.id 
_struct_conn_type.criteria 
_struct_conn_type.reference 
covale ? ? 
metalc ? ? 
hydrog ? ? 
# 
loop_
_pdbx_struct_conn_angle.id 
_pdbx_struct_conn_angle.ptnr1_label_atom_id 
_pdbx_struct_conn_angle.ptnr1_label_alt_id 
_pdbx_struct_conn_angle.ptnr1_label_asym_id 
_pdbx_struct_conn_angle.ptnr1_label_comp_id 
_pdbx_struct_conn_angle.ptnr1_label_seq_id 
_pdbx_struct_conn_angle.ptnr1_auth_atom_id 
_pdbx_struct_conn_angle.ptnr1_auth_asym_id 
_pdbx_struct_conn_angle.ptnr1_auth_comp_id 
_pdbx_struct_conn_angle.ptnr1_auth_seq_id 
_pdbx_struct_conn_angle.ptnr1_PDB_ins_code 
_pdbx_struct_conn_angle.ptnr1_symmetry 
_pdbx_struct_conn_angle.ptnr2_label_atom_id 
_pdbx_struct_conn_angle.ptnr2_label_alt_id 
_pdbx_struct_conn_angle.ptnr2_label_asym_id 
_pdbx_struct_conn_angle.ptnr2_label_comp_id 
_pdbx_struct_conn_angle.ptnr2_label_seq_id 
_pdbx_struct_conn_angle.ptnr2_auth_atom_id 
_pdbx_struct_conn_angle.ptnr2_auth_asym_id 
_pdbx_struct_conn_angle.ptnr2_auth_comp_id 
_pdbx_struct_conn_angle.ptnr2_auth_seq_id 
_pdbx_struct_conn_angle.ptnr2_PDB_ins_code 
_pdbx_struct_conn_angle.ptnr2_symmetry 
_pdbx_struct_conn_angle.ptnr3_label_atom_id 
_pdbx_struct_conn_angle.ptnr3_label_alt_id 
_pdbx_struct_conn_angle.ptnr3_label_asym_id 
_pdbx_struct_conn_angle.ptnr3_label_comp_id 
_pdbx_struct_conn_angle.ptnr3_label_seq_id 
_pdbx_struct_conn_angle.ptnr3_auth_atom_id 
_pdbx_struct_conn_angle.ptnr3_auth_asym_id 
_pdbx_struct_conn_angle.ptnr3_auth_comp_id 
_pdbx_struct_conn_angle.ptnr3_auth_seq_id 
_pdbx_struct_conn_angle.ptnr3_PDB_ins_code 
_pdbx_struct_conn_angle.ptnr3_symmetry 
_pdbx_struct_conn_angle.value 
_pdbx_struct_conn_angle.value_esd 
1  O ? E HOH . ? A HOH 147 ? 1_555 MG ? C MG . ? A MG 26 ? 1_555 O ? E HOH . ? A HOH 148 ? 1_555 178.8 ? 
2  O ? E HOH . ? A HOH 147 ? 1_555 MG ? C MG . ? A MG 26 ? 1_555 O ? E HOH . ? A HOH 150 ? 1_555 91.1  ? 
3  O ? E HOH . ? A HOH 148 ? 1_555 MG ? C MG . ? A MG 26 ? 1_555 O ? E HOH . ? A HOH 150 ? 1_555 90.0  ? 
4  O ? E HOH . ? A HOH 147 ? 1_555 MG ? C MG . ? A MG 26 ? 1_555 O ? E HOH . ? A HOH 152 ? 1_555 89.7  ? 
5  O ? E HOH . ? A HOH 148 ? 1_555 MG ? C MG . ? A MG 26 ? 1_555 O ? E HOH . ? A HOH 152 ? 1_555 90.0  ? 
6  O ? E HOH . ? A HOH 150 ? 1_555 MG ? C MG . ? A MG 26 ? 1_555 O ? E HOH . ? A HOH 152 ? 1_555 89.1  ? 
7  O ? E HOH . ? A HOH 147 ? 1_555 MG ? C MG . ? A MG 26 ? 1_555 O ? F HOH . ? B HOH 149 ? 1_555 88.3  ? 
8  O ? E HOH . ? A HOH 148 ? 1_555 MG ? C MG . ? A MG 26 ? 1_555 O ? F HOH . ? B HOH 149 ? 1_555 90.6  ? 
9  O ? E HOH . ? A HOH 150 ? 1_555 MG ? C MG . ? A MG 26 ? 1_555 O ? F HOH . ? B HOH 149 ? 1_555 179.2 ? 
10 O ? E HOH . ? A HOH 152 ? 1_555 MG ? C MG . ? A MG 26 ? 1_555 O ? F HOH . ? B HOH 149 ? 1_555 91.4  ? 
11 O ? E HOH . ? A HOH 147 ? 1_555 MG ? C MG . ? A MG 26 ? 1_555 O ? F HOH . ? B HOH 151 ? 1_555 90.4  ? 
12 O ? E HOH . ? A HOH 148 ? 1_555 MG ? C MG . ? A MG 26 ? 1_555 O ? F HOH . ? B HOH 151 ? 1_555 89.9  ? 
13 O ? E HOH . ? A HOH 150 ? 1_555 MG ? C MG . ? A MG 26 ? 1_555 O ? F HOH . ? B HOH 151 ? 1_555 89.7  ? 
14 O ? E HOH . ? A HOH 152 ? 1_555 MG ? C MG . ? A MG 26 ? 1_555 O ? F HOH . ? B HOH 151 ? 1_555 178.8 ? 
15 O ? F HOH . ? B HOH 149 ? 1_555 MG ? C MG . ? A MG 26 ? 1_555 O ? F HOH . ? B HOH 151 ? 1_555 89.9  ? 
# 
loop_
_struct_site.id 
_struct_site.pdbx_evidence_code 
_struct_site.pdbx_auth_asym_id 
_struct_site.pdbx_auth_comp_id 
_struct_site.pdbx_auth_seq_id 
_struct_site.pdbx_auth_ins_code 
_struct_site.pdbx_num_residues 
_struct_site.details 
AC1 Software B SPM 25 ? 7 'BINDING SITE FOR RESIDUE SPM B 25' 
AC2 Software A MG  26 ? 6 'BINDING SITE FOR RESIDUE MG A 26'  
# 
loop_
_struct_site_gen.id 
_struct_site_gen.site_id 
_struct_site_gen.pdbx_num_res 
_struct_site_gen.label_comp_id 
_struct_site_gen.label_asym_id 
_struct_site_gen.label_seq_id 
_struct_site_gen.pdbx_auth_ins_code 
_struct_site_gen.auth_comp_id 
_struct_site_gen.auth_asym_id 
_struct_site_gen.auth_seq_id 
_struct_site_gen.label_atom_id 
_struct_site_gen.label_alt_id 
_struct_site_gen.symmetry 
_struct_site_gen.details 
1  AC1 7 DG  A 10 ? DG  A 10  . ? 1_555 ? 
2  AC1 7 HOH E .  ? HOH A 48  . ? 1_555 ? 
3  AC1 7 HOH E .  ? HOH A 103 . ? 1_555 ? 
4  AC1 7 DG  B 2  ? DG  B 14  . ? 1_555 ? 
5  AC1 7 DC  B 3  ? DC  B 15  . ? 1_555 ? 
6  AC1 7 DC  B 11 ? DC  B 23  . ? 2_655 ? 
7  AC1 7 DG  B 12 ? DG  B 24  . ? 2_655 ? 
8  AC2 6 HOH E .  ? HOH A 147 . ? 1_555 ? 
9  AC2 6 HOH E .  ? HOH A 148 . ? 1_555 ? 
10 AC2 6 HOH E .  ? HOH A 150 . ? 1_555 ? 
11 AC2 6 HOH E .  ? HOH A 152 . ? 1_555 ? 
12 AC2 6 HOH F .  ? HOH B 149 . ? 1_555 ? 
13 AC2 6 HOH F .  ? HOH B 151 . ? 1_555 ? 
# 
_pdbx_validate_planes.id              1 
_pdbx_validate_planes.PDB_model_num   1 
_pdbx_validate_planes.auth_comp_id    DC 
_pdbx_validate_planes.auth_asym_id    A 
_pdbx_validate_planes.auth_seq_id     11 
_pdbx_validate_planes.PDB_ins_code    ? 
_pdbx_validate_planes.label_alt_id    ? 
_pdbx_validate_planes.rmsd            0.079 
_pdbx_validate_planes.type            'SIDE CHAIN' 
# 
loop_
_pdbx_struct_mod_residue.id 
_pdbx_struct_mod_residue.label_asym_id 
_pdbx_struct_mod_residue.label_comp_id 
_pdbx_struct_mod_residue.label_seq_id 
_pdbx_struct_mod_residue.auth_asym_id 
_pdbx_struct_mod_residue.auth_comp_id 
_pdbx_struct_mod_residue.auth_seq_id 
_pdbx_struct_mod_residue.PDB_ins_code 
_pdbx_struct_mod_residue.parent_comp_id 
_pdbx_struct_mod_residue.details 
1 A A47 5 A A47 5  ? DA 
;N6-METHOXY ADENOSINE 5'-MONOPHOSPHATE
;
2 B A47 5 B A47 17 ? DA 
;N6-METHOXY ADENOSINE 5'-MONOPHOSPHATE
;
# 
loop_
_chem_comp_atom.comp_id 
_chem_comp_atom.atom_id 
_chem_comp_atom.type_symbol 
_chem_comp_atom.pdbx_aromatic_flag 
_chem_comp_atom.pdbx_stereo_config 
_chem_comp_atom.pdbx_ordinal 
A47 O3P    O  N N 1   
A47 P      P  N N 2   
A47 O1P    O  N N 3   
A47 O2P    O  N N 4   
A47 "O5'"  O  N N 5   
A47 "C5'"  C  N N 6   
A47 "C4'"  C  N R 7   
A47 "O4'"  O  N N 8   
A47 "C3'"  C  N S 9   
A47 "O3'"  O  N N 10  
A47 "C2'"  C  N N 11  
A47 "C1'"  C  N R 12  
A47 N9     N  Y N 13  
A47 C8     C  Y N 14  
A47 N7     N  Y N 15  
A47 C5     C  Y N 16  
A47 C6     C  Y N 17  
A47 N6     N  N N 18  
A47 N1     N  Y N 19  
A47 C2     C  Y N 20  
A47 N3     N  Y N 21  
A47 C4     C  Y N 22  
A47 O1     O  N N 23  
A47 C1     C  N N 24  
A47 H1P    H  N N 25  
A47 H2P    H  N N 26  
A47 "H5'1" H  N N 27  
A47 "H5'2" H  N N 28  
A47 "H4'"  H  N N 29  
A47 "H3'"  H  N N 30  
A47 HA     H  N N 31  
A47 "H2'1" H  N N 32  
A47 "H2'2" H  N N 33  
A47 "H1'"  H  N N 34  
A47 H8     H  N N 35  
A47 H6     H  N N 36  
A47 H2     H  N N 37  
A47 H1C1   H  N N 38  
A47 H1C2   H  N N 39  
A47 H1C3   H  N N 40  
DA  OP3    O  N N 41  
DA  P      P  N N 42  
DA  OP1    O  N N 43  
DA  OP2    O  N N 44  
DA  "O5'"  O  N N 45  
DA  "C5'"  C  N N 46  
DA  "C4'"  C  N R 47  
DA  "O4'"  O  N N 48  
DA  "C3'"  C  N S 49  
DA  "O3'"  O  N N 50  
DA  "C2'"  C  N N 51  
DA  "C1'"  C  N R 52  
DA  N9     N  Y N 53  
DA  C8     C  Y N 54  
DA  N7     N  Y N 55  
DA  C5     C  Y N 56  
DA  C6     C  Y N 57  
DA  N6     N  N N 58  
DA  N1     N  Y N 59  
DA  C2     C  Y N 60  
DA  N3     N  Y N 61  
DA  C4     C  Y N 62  
DA  HOP3   H  N N 63  
DA  HOP2   H  N N 64  
DA  "H5'"  H  N N 65  
DA  "H5''" H  N N 66  
DA  "H4'"  H  N N 67  
DA  "H3'"  H  N N 68  
DA  "HO3'" H  N N 69  
DA  "H2'"  H  N N 70  
DA  "H2''" H  N N 71  
DA  "H1'"  H  N N 72  
DA  H8     H  N N 73  
DA  H61    H  N N 74  
DA  H62    H  N N 75  
DA  H2     H  N N 76  
DC  OP3    O  N N 77  
DC  P      P  N N 78  
DC  OP1    O  N N 79  
DC  OP2    O  N N 80  
DC  "O5'"  O  N N 81  
DC  "C5'"  C  N N 82  
DC  "C4'"  C  N R 83  
DC  "O4'"  O  N N 84  
DC  "C3'"  C  N S 85  
DC  "O3'"  O  N N 86  
DC  "C2'"  C  N N 87  
DC  "C1'"  C  N R 88  
DC  N1     N  N N 89  
DC  C2     C  N N 90  
DC  O2     O  N N 91  
DC  N3     N  N N 92  
DC  C4     C  N N 93  
DC  N4     N  N N 94  
DC  C5     C  N N 95  
DC  C6     C  N N 96  
DC  HOP3   H  N N 97  
DC  HOP2   H  N N 98  
DC  "H5'"  H  N N 99  
DC  "H5''" H  N N 100 
DC  "H4'"  H  N N 101 
DC  "H3'"  H  N N 102 
DC  "HO3'" H  N N 103 
DC  "H2'"  H  N N 104 
DC  "H2''" H  N N 105 
DC  "H1'"  H  N N 106 
DC  H41    H  N N 107 
DC  H42    H  N N 108 
DC  H5     H  N N 109 
DC  H6     H  N N 110 
DG  OP3    O  N N 111 
DG  P      P  N N 112 
DG  OP1    O  N N 113 
DG  OP2    O  N N 114 
DG  "O5'"  O  N N 115 
DG  "C5'"  C  N N 116 
DG  "C4'"  C  N R 117 
DG  "O4'"  O  N N 118 
DG  "C3'"  C  N S 119 
DG  "O3'"  O  N N 120 
DG  "C2'"  C  N N 121 
DG  "C1'"  C  N R 122 
DG  N9     N  Y N 123 
DG  C8     C  Y N 124 
DG  N7     N  Y N 125 
DG  C5     C  Y N 126 
DG  C6     C  N N 127 
DG  O6     O  N N 128 
DG  N1     N  N N 129 
DG  C2     C  N N 130 
DG  N2     N  N N 131 
DG  N3     N  N N 132 
DG  C4     C  Y N 133 
DG  HOP3   H  N N 134 
DG  HOP2   H  N N 135 
DG  "H5'"  H  N N 136 
DG  "H5''" H  N N 137 
DG  "H4'"  H  N N 138 
DG  "H3'"  H  N N 139 
DG  "HO3'" H  N N 140 
DG  "H2'"  H  N N 141 
DG  "H2''" H  N N 142 
DG  "H1'"  H  N N 143 
DG  H8     H  N N 144 
DG  H1     H  N N 145 
DG  H21    H  N N 146 
DG  H22    H  N N 147 
DT  OP3    O  N N 148 
DT  P      P  N N 149 
DT  OP1    O  N N 150 
DT  OP2    O  N N 151 
DT  "O5'"  O  N N 152 
DT  "C5'"  C  N N 153 
DT  "C4'"  C  N R 154 
DT  "O4'"  O  N N 155 
DT  "C3'"  C  N S 156 
DT  "O3'"  O  N N 157 
DT  "C2'"  C  N N 158 
DT  "C1'"  C  N R 159 
DT  N1     N  N N 160 
DT  C2     C  N N 161 
DT  O2     O  N N 162 
DT  N3     N  N N 163 
DT  C4     C  N N 164 
DT  O4     O  N N 165 
DT  C5     C  N N 166 
DT  C7     C  N N 167 
DT  C6     C  N N 168 
DT  HOP3   H  N N 169 
DT  HOP2   H  N N 170 
DT  "H5'"  H  N N 171 
DT  "H5''" H  N N 172 
DT  "H4'"  H  N N 173 
DT  "H3'"  H  N N 174 
DT  "HO3'" H  N N 175 
DT  "H2'"  H  N N 176 
DT  "H2''" H  N N 177 
DT  "H1'"  H  N N 178 
DT  H3     H  N N 179 
DT  H71    H  N N 180 
DT  H72    H  N N 181 
DT  H73    H  N N 182 
DT  H6     H  N N 183 
HOH O      O  N N 184 
HOH H1     H  N N 185 
HOH H2     H  N N 186 
MG  MG     MG N N 187 
SPM N1     N  N N 188 
SPM C2     C  N N 189 
SPM C3     C  N N 190 
SPM C4     C  N N 191 
SPM N5     N  N N 192 
SPM C6     C  N N 193 
SPM C7     C  N N 194 
SPM C8     C  N N 195 
SPM C9     C  N N 196 
SPM N10    N  N N 197 
SPM C11    C  N N 198 
SPM C12    C  N N 199 
SPM C13    C  N N 200 
SPM N14    N  N N 201 
SPM HN11   H  N N 202 
SPM HN12   H  N N 203 
SPM H21    H  N N 204 
SPM H22    H  N N 205 
SPM H31    H  N N 206 
SPM H32    H  N N 207 
SPM H41    H  N N 208 
SPM H42    H  N N 209 
SPM HN5    H  N N 210 
SPM H61    H  N N 211 
SPM H62    H  N N 212 
SPM H71    H  N N 213 
SPM H72    H  N N 214 
SPM H81    H  N N 215 
SPM H82    H  N N 216 
SPM H91    H  N N 217 
SPM H92    H  N N 218 
SPM HN0    H  N N 219 
SPM H111   H  N N 220 
SPM H112   H  N N 221 
SPM H121   H  N N 222 
SPM H122   H  N N 223 
SPM H131   H  N N 224 
SPM H132   H  N N 225 
SPM HN41   H  N N 226 
SPM HN42   H  N N 227 
# 
loop_
_chem_comp_bond.comp_id 
_chem_comp_bond.atom_id_1 
_chem_comp_bond.atom_id_2 
_chem_comp_bond.value_order 
_chem_comp_bond.pdbx_aromatic_flag 
_chem_comp_bond.pdbx_stereo_config 
_chem_comp_bond.pdbx_ordinal 
A47 O3P   P      doub N N 1   
A47 P     O1P    sing N N 2   
A47 P     O2P    sing N N 3   
A47 P     "O5'"  sing N N 4   
A47 O1P   H1P    sing N N 5   
A47 O2P   H2P    sing N N 6   
A47 "O5'" "C5'"  sing N N 7   
A47 "C5'" "C4'"  sing N N 8   
A47 "C5'" "H5'1" sing N N 9   
A47 "C5'" "H5'2" sing N N 10  
A47 "C4'" "O4'"  sing N N 11  
A47 "C4'" "C3'"  sing N N 12  
A47 "C4'" "H4'"  sing N N 13  
A47 "O4'" "C1'"  sing N N 14  
A47 "C3'" "O3'"  sing N N 15  
A47 "C3'" "C2'"  sing N N 16  
A47 "C3'" "H3'"  sing N N 17  
A47 "O3'" HA     sing N N 18  
A47 "C2'" "C1'"  sing N N 19  
A47 "C2'" "H2'1" sing N N 20  
A47 "C2'" "H2'2" sing N N 21  
A47 "C1'" N9     sing N N 22  
A47 "C1'" "H1'"  sing N N 23  
A47 N9    C8     sing Y N 24  
A47 N9    C4     sing Y N 25  
A47 C8    N7     doub Y N 26  
A47 C8    H8     sing N N 27  
A47 N7    C5     sing Y N 28  
A47 C5    C6     doub Y N 29  
A47 C5    C4     sing Y N 30  
A47 C6    N6     sing N N 31  
A47 C6    N1     sing Y N 32  
A47 N6    O1     sing N N 33  
A47 N6    H6     sing N N 34  
A47 N1    C2     doub Y N 35  
A47 C2    N3     sing Y N 36  
A47 C2    H2     sing N N 37  
A47 N3    C4     doub Y N 38  
A47 O1    C1     sing N N 39  
A47 C1    H1C1   sing N N 40  
A47 C1    H1C2   sing N N 41  
A47 C1    H1C3   sing N N 42  
DA  OP3   P      sing N N 43  
DA  OP3   HOP3   sing N N 44  
DA  P     OP1    doub N N 45  
DA  P     OP2    sing N N 46  
DA  P     "O5'"  sing N N 47  
DA  OP2   HOP2   sing N N 48  
DA  "O5'" "C5'"  sing N N 49  
DA  "C5'" "C4'"  sing N N 50  
DA  "C5'" "H5'"  sing N N 51  
DA  "C5'" "H5''" sing N N 52  
DA  "C4'" "O4'"  sing N N 53  
DA  "C4'" "C3'"  sing N N 54  
DA  "C4'" "H4'"  sing N N 55  
DA  "O4'" "C1'"  sing N N 56  
DA  "C3'" "O3'"  sing N N 57  
DA  "C3'" "C2'"  sing N N 58  
DA  "C3'" "H3'"  sing N N 59  
DA  "O3'" "HO3'" sing N N 60  
DA  "C2'" "C1'"  sing N N 61  
DA  "C2'" "H2'"  sing N N 62  
DA  "C2'" "H2''" sing N N 63  
DA  "C1'" N9     sing N N 64  
DA  "C1'" "H1'"  sing N N 65  
DA  N9    C8     sing Y N 66  
DA  N9    C4     sing Y N 67  
DA  C8    N7     doub Y N 68  
DA  C8    H8     sing N N 69  
DA  N7    C5     sing Y N 70  
DA  C5    C6     sing Y N 71  
DA  C5    C4     doub Y N 72  
DA  C6    N6     sing N N 73  
DA  C6    N1     doub Y N 74  
DA  N6    H61    sing N N 75  
DA  N6    H62    sing N N 76  
DA  N1    C2     sing Y N 77  
DA  C2    N3     doub Y N 78  
DA  C2    H2     sing N N 79  
DA  N3    C4     sing Y N 80  
DC  OP3   P      sing N N 81  
DC  OP3   HOP3   sing N N 82  
DC  P     OP1    doub N N 83  
DC  P     OP2    sing N N 84  
DC  P     "O5'"  sing N N 85  
DC  OP2   HOP2   sing N N 86  
DC  "O5'" "C5'"  sing N N 87  
DC  "C5'" "C4'"  sing N N 88  
DC  "C5'" "H5'"  sing N N 89  
DC  "C5'" "H5''" sing N N 90  
DC  "C4'" "O4'"  sing N N 91  
DC  "C4'" "C3'"  sing N N 92  
DC  "C4'" "H4'"  sing N N 93  
DC  "O4'" "C1'"  sing N N 94  
DC  "C3'" "O3'"  sing N N 95  
DC  "C3'" "C2'"  sing N N 96  
DC  "C3'" "H3'"  sing N N 97  
DC  "O3'" "HO3'" sing N N 98  
DC  "C2'" "C1'"  sing N N 99  
DC  "C2'" "H2'"  sing N N 100 
DC  "C2'" "H2''" sing N N 101 
DC  "C1'" N1     sing N N 102 
DC  "C1'" "H1'"  sing N N 103 
DC  N1    C2     sing N N 104 
DC  N1    C6     sing N N 105 
DC  C2    O2     doub N N 106 
DC  C2    N3     sing N N 107 
DC  N3    C4     doub N N 108 
DC  C4    N4     sing N N 109 
DC  C4    C5     sing N N 110 
DC  N4    H41    sing N N 111 
DC  N4    H42    sing N N 112 
DC  C5    C6     doub N N 113 
DC  C5    H5     sing N N 114 
DC  C6    H6     sing N N 115 
DG  OP3   P      sing N N 116 
DG  OP3   HOP3   sing N N 117 
DG  P     OP1    doub N N 118 
DG  P     OP2    sing N N 119 
DG  P     "O5'"  sing N N 120 
DG  OP2   HOP2   sing N N 121 
DG  "O5'" "C5'"  sing N N 122 
DG  "C5'" "C4'"  sing N N 123 
DG  "C5'" "H5'"  sing N N 124 
DG  "C5'" "H5''" sing N N 125 
DG  "C4'" "O4'"  sing N N 126 
DG  "C4'" "C3'"  sing N N 127 
DG  "C4'" "H4'"  sing N N 128 
DG  "O4'" "C1'"  sing N N 129 
DG  "C3'" "O3'"  sing N N 130 
DG  "C3'" "C2'"  sing N N 131 
DG  "C3'" "H3'"  sing N N 132 
DG  "O3'" "HO3'" sing N N 133 
DG  "C2'" "C1'"  sing N N 134 
DG  "C2'" "H2'"  sing N N 135 
DG  "C2'" "H2''" sing N N 136 
DG  "C1'" N9     sing N N 137 
DG  "C1'" "H1'"  sing N N 138 
DG  N9    C8     sing Y N 139 
DG  N9    C4     sing Y N 140 
DG  C8    N7     doub Y N 141 
DG  C8    H8     sing N N 142 
DG  N7    C5     sing Y N 143 
DG  C5    C6     sing N N 144 
DG  C5    C4     doub Y N 145 
DG  C6    O6     doub N N 146 
DG  C6    N1     sing N N 147 
DG  N1    C2     sing N N 148 
DG  N1    H1     sing N N 149 
DG  C2    N2     sing N N 150 
DG  C2    N3     doub N N 151 
DG  N2    H21    sing N N 152 
DG  N2    H22    sing N N 153 
DG  N3    C4     sing N N 154 
DT  OP3   P      sing N N 155 
DT  OP3   HOP3   sing N N 156 
DT  P     OP1    doub N N 157 
DT  P     OP2    sing N N 158 
DT  P     "O5'"  sing N N 159 
DT  OP2   HOP2   sing N N 160 
DT  "O5'" "C5'"  sing N N 161 
DT  "C5'" "C4'"  sing N N 162 
DT  "C5'" "H5'"  sing N N 163 
DT  "C5'" "H5''" sing N N 164 
DT  "C4'" "O4'"  sing N N 165 
DT  "C4'" "C3'"  sing N N 166 
DT  "C4'" "H4'"  sing N N 167 
DT  "O4'" "C1'"  sing N N 168 
DT  "C3'" "O3'"  sing N N 169 
DT  "C3'" "C2'"  sing N N 170 
DT  "C3'" "H3'"  sing N N 171 
DT  "O3'" "HO3'" sing N N 172 
DT  "C2'" "C1'"  sing N N 173 
DT  "C2'" "H2'"  sing N N 174 
DT  "C2'" "H2''" sing N N 175 
DT  "C1'" N1     sing N N 176 
DT  "C1'" "H1'"  sing N N 177 
DT  N1    C2     sing N N 178 
DT  N1    C6     sing N N 179 
DT  C2    O2     doub N N 180 
DT  C2    N3     sing N N 181 
DT  N3    C4     sing N N 182 
DT  N3    H3     sing N N 183 
DT  C4    O4     doub N N 184 
DT  C4    C5     sing N N 185 
DT  C5    C7     sing N N 186 
DT  C5    C6     doub N N 187 
DT  C7    H71    sing N N 188 
DT  C7    H72    sing N N 189 
DT  C7    H73    sing N N 190 
DT  C6    H6     sing N N 191 
HOH O     H1     sing N N 192 
HOH O     H2     sing N N 193 
SPM N1    C2     sing N N 194 
SPM N1    HN11   sing N N 195 
SPM N1    HN12   sing N N 196 
SPM C2    C3     sing N N 197 
SPM C2    H21    sing N N 198 
SPM C2    H22    sing N N 199 
SPM C3    C4     sing N N 200 
SPM C3    H31    sing N N 201 
SPM C3    H32    sing N N 202 
SPM C4    N5     sing N N 203 
SPM C4    H41    sing N N 204 
SPM C4    H42    sing N N 205 
SPM N5    C6     sing N N 206 
SPM N5    HN5    sing N N 207 
SPM C6    C7     sing N N 208 
SPM C6    H61    sing N N 209 
SPM C6    H62    sing N N 210 
SPM C7    C8     sing N N 211 
SPM C7    H71    sing N N 212 
SPM C7    H72    sing N N 213 
SPM C8    C9     sing N N 214 
SPM C8    H81    sing N N 215 
SPM C8    H82    sing N N 216 
SPM C9    N10    sing N N 217 
SPM C9    H91    sing N N 218 
SPM C9    H92    sing N N 219 
SPM N10   C11    sing N N 220 
SPM N10   HN0    sing N N 221 
SPM C11   C12    sing N N 222 
SPM C11   H111   sing N N 223 
SPM C11   H112   sing N N 224 
SPM C12   C13    sing N N 225 
SPM C12   H121   sing N N 226 
SPM C12   H122   sing N N 227 
SPM C13   N14    sing N N 228 
SPM C13   H131   sing N N 229 
SPM C13   H132   sing N N 230 
SPM N14   HN41   sing N N 231 
SPM N14   HN42   sing N N 232 
# 
loop_
_ndb_struct_conf_na.entry_id 
_ndb_struct_conf_na.feature 
1EDR 'double helix'        
1EDR 'b-form double helix' 
# 
loop_
_ndb_struct_na_base_pair.model_number 
_ndb_struct_na_base_pair.i_label_asym_id 
_ndb_struct_na_base_pair.i_label_comp_id 
_ndb_struct_na_base_pair.i_label_seq_id 
_ndb_struct_na_base_pair.i_symmetry 
_ndb_struct_na_base_pair.j_label_asym_id 
_ndb_struct_na_base_pair.j_label_comp_id 
_ndb_struct_na_base_pair.j_label_seq_id 
_ndb_struct_na_base_pair.j_symmetry 
_ndb_struct_na_base_pair.shear 
_ndb_struct_na_base_pair.stretch 
_ndb_struct_na_base_pair.stagger 
_ndb_struct_na_base_pair.buckle 
_ndb_struct_na_base_pair.propeller 
_ndb_struct_na_base_pair.opening 
_ndb_struct_na_base_pair.pair_number 
_ndb_struct_na_base_pair.pair_name 
_ndb_struct_na_base_pair.i_auth_asym_id 
_ndb_struct_na_base_pair.i_auth_seq_id 
_ndb_struct_na_base_pair.i_PDB_ins_code 
_ndb_struct_na_base_pair.j_auth_asym_id 
_ndb_struct_na_base_pair.j_auth_seq_id 
_ndb_struct_na_base_pair.j_PDB_ins_code 
_ndb_struct_na_base_pair.hbond_type_28 
_ndb_struct_na_base_pair.hbond_type_12 
1 A DC  1  1_555 B DG  12 1_555 0.552  -0.138 0.134  5.996   -17.868 0.881  1  A_DC1:DG24_B  A 1  ? B 24 ? 19 1 
1 A DG  2  1_555 B DC  11 1_555 -0.201 -0.183 0.485  7.137   -12.087 -2.224 2  A_DG2:DC23_B  A 2  ? B 23 ? 19 1 
1 A DC  3  1_555 B DG  10 1_555 0.256  -0.078 0.262  -7.877  -5.354  0.694  3  A_DC3:DG22_B  A 3  ? B 22 ? 19 1 
1 A DG  4  1_555 B DC  9  1_555 -0.370 -0.044 -0.041 8.527   -6.033  2.250  4  A_DG4:DC21_B  A 4  ? B 21 ? 19 1 
1 A A47 5  1_555 B DT  8  1_555 -0.161 -0.131 -0.023 0.534   -16.098 2.155  5  A_A475:DT20_B A 5  ? B 20 ? 20 1 
1 A DA  6  1_555 B DT  7  1_555 0.066  -0.063 0.185  1.170   -15.347 5.244  6  A_DA6:DT19_B  A 6  ? B 19 ? 20 1 
1 A DT  7  1_555 B DA  6  1_555 -0.034 -0.114 0.126  -1.445  -17.084 3.530  7  A_DT7:DA18_B  A 7  ? B 18 ? 20 1 
1 A DT  8  1_555 B A47 5  1_555 0.044  -0.148 -0.130 1.181   -14.889 2.720  8  A_DT8:A4717_B A 8  ? B 17 ? 20 1 
1 A DC  9  1_555 B DG  4  1_555 0.394  -0.014 0.161  -12.575 -5.083  1.732  9  A_DC9:DG16_B  A 9  ? B 16 ? 19 1 
1 A DG  10 1_555 B DC  3  1_555 -0.206 -0.083 0.205  9.167   -6.786  2.813  10 A_DG10:DC15_B A 10 ? B 15 ? 19 1 
1 A DC  11 1_555 B DG  2  1_555 0.058  -0.082 0.042  7.095   -19.530 -1.786 11 A_DC11:DG14_B A 11 ? B 14 ? 19 1 
1 A DG  12 1_555 B DC  1  1_555 -0.371 -0.052 0.227  0.916   -11.140 -0.059 12 A_DG12:DC13_B A 12 ? B 13 ? 19 1 
# 
loop_
_ndb_struct_na_base_pair_step.model_number 
_ndb_struct_na_base_pair_step.i_label_asym_id_1 
_ndb_struct_na_base_pair_step.i_label_comp_id_1 
_ndb_struct_na_base_pair_step.i_label_seq_id_1 
_ndb_struct_na_base_pair_step.i_symmetry_1 
_ndb_struct_na_base_pair_step.j_label_asym_id_1 
_ndb_struct_na_base_pair_step.j_label_comp_id_1 
_ndb_struct_na_base_pair_step.j_label_seq_id_1 
_ndb_struct_na_base_pair_step.j_symmetry_1 
_ndb_struct_na_base_pair_step.i_label_asym_id_2 
_ndb_struct_na_base_pair_step.i_label_comp_id_2 
_ndb_struct_na_base_pair_step.i_label_seq_id_2 
_ndb_struct_na_base_pair_step.i_symmetry_2 
_ndb_struct_na_base_pair_step.j_label_asym_id_2 
_ndb_struct_na_base_pair_step.j_label_comp_id_2 
_ndb_struct_na_base_pair_step.j_label_seq_id_2 
_ndb_struct_na_base_pair_step.j_symmetry_2 
_ndb_struct_na_base_pair_step.shift 
_ndb_struct_na_base_pair_step.slide 
_ndb_struct_na_base_pair_step.rise 
_ndb_struct_na_base_pair_step.tilt 
_ndb_struct_na_base_pair_step.roll 
_ndb_struct_na_base_pair_step.twist 
_ndb_struct_na_base_pair_step.x_displacement 
_ndb_struct_na_base_pair_step.y_displacement 
_ndb_struct_na_base_pair_step.helical_rise 
_ndb_struct_na_base_pair_step.inclination 
_ndb_struct_na_base_pair_step.tip 
_ndb_struct_na_base_pair_step.helical_twist 
_ndb_struct_na_base_pair_step.step_number 
_ndb_struct_na_base_pair_step.step_name 
_ndb_struct_na_base_pair_step.i_auth_asym_id_1 
_ndb_struct_na_base_pair_step.i_auth_seq_id_1 
_ndb_struct_na_base_pair_step.i_PDB_ins_code_1 
_ndb_struct_na_base_pair_step.j_auth_asym_id_1 
_ndb_struct_na_base_pair_step.j_auth_seq_id_1 
_ndb_struct_na_base_pair_step.j_PDB_ins_code_1 
_ndb_struct_na_base_pair_step.i_auth_asym_id_2 
_ndb_struct_na_base_pair_step.i_auth_seq_id_2 
_ndb_struct_na_base_pair_step.i_PDB_ins_code_2 
_ndb_struct_na_base_pair_step.j_auth_asym_id_2 
_ndb_struct_na_base_pair_step.j_auth_seq_id_2 
_ndb_struct_na_base_pair_step.j_PDB_ins_code_2 
1 A DC  1  1_555 B DG  12 1_555 A DG  2  1_555 B DC  11 1_555 -0.040 0.065  3.234 -3.225 6.144   33.016 -0.878 -0.452 3.184 10.665 
5.598  33.718 1  AA_DC1DG2:DC23DG24_BB   A 1  ? B 24 ? A 2  ? B 23 ? 
1 A DG  2  1_555 B DC  11 1_555 A DC  3  1_555 B DG  10 1_555 0.501  0.445  3.715 1.313  -7.066  43.560 1.340  -0.529 3.616 -9.445 
-1.755 44.121 2  AA_DG2DC3:DG22DC23_BB   A 2  ? B 23 ? A 3  ? B 22 ? 
1 A DC  3  1_555 B DG  10 1_555 A DG  4  1_555 B DC  9  1_555 -0.211 0.456  2.996 1.895  10.695  24.723 -1.602 0.909  2.914 23.578 
-4.178 26.970 3  AA_DC3DG4:DC21DG22_BB   A 3  ? B 22 ? A 4  ? B 21 ? 
1 A DG  4  1_555 B DC  9  1_555 A A47 5  1_555 B DT  8  1_555 -0.158 -0.344 3.534 0.154  -0.354  38.475 -0.475 0.260  3.536 -0.538 
-0.234 38.477 4  AA_DG4A475:DT20DC21_BB  A 4  ? B 21 ? A 5  ? B 20 ? 
1 A A47 5  1_555 B DT  8  1_555 A DA  6  1_555 B DT  7  1_555 0.063  -0.391 3.189 -1.850 -0.647  37.384 -0.526 -0.335 3.188 -1.009 
2.885  37.433 5  AA_A475DA6:DT19DT20_BB  A 5  ? B 20 ? A 6  ? B 19 ? 
1 A DA  6  1_555 B DT  7  1_555 A DT  7  1_555 B DA  6  1_555 -0.087 -0.736 3.244 1.006  -1.546  30.831 -1.082 0.359  3.272 -2.904 
-1.891 30.885 6  AA_DA6DT7:DA18DT19_BB   A 6  ? B 19 ? A 7  ? B 18 ? 
1 A DT  7  1_555 B DA  6  1_555 A DT  8  1_555 B A47 5  1_555 -0.039 -0.407 3.137 1.840  -1.282  36.092 -0.481 0.312  3.143 -2.066 
-2.966 36.160 7  AA_DT7DT8:A4717DA18_BB  A 7  ? B 18 ? A 8  ? B 17 ? 
1 A DT  8  1_555 B A47 5  1_555 A DC  9  1_555 B DG  4  1_555 -0.017 -0.340 3.684 -1.816 -4.810  40.838 0.106  -0.198 3.696 -6.861 
2.589  41.147 8  AA_DT8DC9:DG16A4717_BB  A 8  ? B 17 ? A 9  ? B 16 ? 
1 A DC  9  1_555 B DG  4  1_555 A DG  10 1_555 B DC  3  1_555 0.507  0.506  2.910 -0.420 5.565   24.304 -0.337 -1.289 2.941 12.999 
0.981  24.927 9  AA_DC9DG10:DC15DG16_BB  A 9  ? B 16 ? A 10 ? B 15 ? 
1 A DG  10 1_555 B DC  3  1_555 A DC  11 1_555 B DG  2  1_555 -1.348 0.623  3.420 -2.080 -11.841 43.004 1.945  1.580  3.207 
-15.787 2.773  44.576 10 AA_DG10DC11:DG14DC15_BB A 10 ? B 15 ? A 11 ? B 14 ? 
1 A DC  11 1_555 B DG  2  1_555 A DG  12 1_555 B DC  1  1_555 0.100  0.177  3.428 -1.966 6.913   32.359 -0.915 -0.525 3.381 12.217 
3.474  33.126 11 AA_DC11DG12:DC13DG14_BB A 11 ? B 14 ? A 12 ? B 13 ? 
# 
_atom_sites.entry_id                    1EDR 
_atom_sites.fract_transf_matrix[1][1]   -0.02565633 
_atom_sites.fract_transf_matrix[1][2]   0.02847115 
_atom_sites.fract_transf_matrix[1][3]   0.00830908 
_atom_sites.fract_transf_matrix[2][1]   0.01797288 
_atom_sites.fract_transf_matrix[2][2]   0.01263903 
_atom_sites.fract_transf_matrix[2][3]   0.01218796 
_atom_sites.fract_transf_matrix[3][1]   0.00369313 
_atom_sites.fract_transf_matrix[3][2]   0.00705147 
_atom_sites.fract_transf_matrix[3][3]   -0.01275849 
_atom_sites.fract_transf_vector[1]      0.420814 
_atom_sites.fract_transf_vector[2]      0.015868 
_atom_sites.fract_transf_vector[3]      0.380197 
# 
loop_
_atom_type.symbol 
C  
MG 
N  
O  
P  
# 
loop_
_atom_site.group_PDB 
_atom_site.id 
_atom_site.type_symbol 
_atom_site.label_atom_id 
_atom_site.label_alt_id 
_atom_site.label_comp_id 
_atom_site.label_asym_id 
_atom_site.label_entity_id 
_atom_site.label_seq_id 
_atom_site.pdbx_PDB_ins_code 
_atom_site.Cartn_x 
_atom_site.Cartn_y 
_atom_site.Cartn_z 
_atom_site.occupancy 
_atom_site.B_iso_or_equiv 
_atom_site.pdbx_formal_charge 
_atom_site.auth_seq_id 
_atom_site.auth_comp_id 
_atom_site.auth_asym_id 
_atom_site.auth_atom_id 
_atom_site.pdbx_PDB_model_num 
ATOM   1   O  "O5'" . DC  A 1 1  ? 9.917   -4.327  18.920  1.00 18.03 ? 1   DC  A "O5'" 1 
ATOM   2   C  "C5'" . DC  A 1 1  ? 8.535   -4.714  18.839  1.00 17.41 ? 1   DC  A "C5'" 1 
ATOM   3   C  "C4'" . DC  A 1 1  ? 8.381   -5.982  18.030  1.00 17.43 ? 1   DC  A "C4'" 1 
ATOM   4   O  "O4'" . DC  A 1 1  ? 7.022   -6.459  18.125  1.00 17.02 ? 1   DC  A "O4'" 1 
ATOM   5   C  "C3'" . DC  A 1 1  ? 8.678   -5.866  16.537  1.00 17.44 ? 1   DC  A "C3'" 1 
ATOM   6   O  "O3'" . DC  A 1 1  ? 9.242   -7.112  16.101  1.00 17.93 ? 1   DC  A "O3'" 1 
ATOM   7   C  "C2'" . DC  A 1 1  ? 7.304   -5.665  15.928  1.00 17.05 ? 1   DC  A "C2'" 1 
ATOM   8   C  "C1'" . DC  A 1 1  ? 6.402   -6.476  16.844  1.00 16.65 ? 1   DC  A "C1'" 1 
ATOM   9   N  N1    . DC  A 1 1  ? 5.020   -5.970  17.010  1.00 16.20 ? 1   DC  A N1    1 
ATOM   10  C  C2    . DC  A 1 1  ? 3.961   -6.903  17.030  1.00 15.90 ? 1   DC  A C2    1 
ATOM   11  O  O2    . DC  A 1 1  ? 4.208   -8.103  16.860  1.00 16.30 ? 1   DC  A O2    1 
ATOM   12  N  N3    . DC  A 1 1  ? 2.709   -6.476  17.237  1.00 15.58 ? 1   DC  A N3    1 
ATOM   13  C  C4    . DC  A 1 1  ? 2.469   -5.180  17.426  1.00 15.68 ? 1   DC  A C4    1 
ATOM   14  N  N4    . DC  A 1 1  ? 1.207   -4.817  17.668  1.00 15.52 ? 1   DC  A N4    1 
ATOM   15  C  C5    . DC  A 1 1  ? 3.516   -4.198  17.387  1.00 15.62 ? 1   DC  A C5    1 
ATOM   16  C  C6    . DC  A 1 1  ? 4.766   -4.638  17.173  1.00 15.75 ? 1   DC  A C6    1 
ATOM   17  P  P     . DG  A 1 2  ? 9.852   -7.243  14.619  1.00 18.55 ? 2   DG  A P     1 
ATOM   18  O  OP1   . DG  A 1 2  ? 11.012  -8.176  14.716  1.00 18.67 ? 2   DG  A OP1   1 
ATOM   19  O  OP2   . DG  A 1 2  ? 10.045  -5.888  14.041  1.00 18.50 ? 2   DG  A OP2   1 
ATOM   20  O  "O5'" . DG  A 1 2  ? 8.699   -7.996  13.819  1.00 18.06 ? 2   DG  A "O5'" 1 
ATOM   21  C  "C5'" . DG  A 1 2  ? 8.409   -9.382  14.108  1.00 17.46 ? 2   DG  A "C5'" 1 
ATOM   22  C  "C4'" . DG  A 1 2  ? 7.343   -9.899  13.172  1.00 16.98 ? 2   DG  A "C4'" 1 
ATOM   23  O  "O4'" . DG  A 1 2  ? 6.073   -9.307  13.527  1.00 16.49 ? 2   DG  A "O4'" 1 
ATOM   24  C  "C3'" . DG  A 1 2  ? 7.589   -9.523  11.709  1.00 17.07 ? 2   DG  A "C3'" 1 
ATOM   25  O  "O3'" . DG  A 1 2  ? 7.105   -10.606 10.902  1.00 18.00 ? 2   DG  A "O3'" 1 
ATOM   26  C  "C2'" . DG  A 1 2  ? 6.709   -8.298  11.527  1.00 16.42 ? 2   DG  A "C2'" 1 
ATOM   27  C  "C1'" . DG  A 1 2  ? 5.520   -8.665  12.395  1.00 15.53 ? 2   DG  A "C1'" 1 
ATOM   28  N  N9    . DG  A 1 2  ? 4.680   -7.568  12.863  1.00 14.20 ? 2   DG  A N9    1 
ATOM   29  C  C8    . DG  A 1 2  ? 5.065   -6.278  13.137  1.00 13.83 ? 2   DG  A C8    1 
ATOM   30  N  N7    . DG  A 1 2  ? 4.082   -5.530  13.566  1.00 13.59 ? 2   DG  A N7    1 
ATOM   31  C  C5    . DG  A 1 2  ? 2.980   -6.381  13.570  1.00 13.15 ? 2   DG  A C5    1 
ATOM   32  C  C6    . DG  A 1 2  ? 1.631   -6.144  13.951  1.00 12.83 ? 2   DG  A C6    1 
ATOM   33  O  O6    . DG  A 1 2  ? 1.121   -5.114  14.404  1.00 12.59 ? 2   DG  A O6    1 
ATOM   34  N  N1    . DG  A 1 2  ? 0.846   -7.272  13.778  1.00 12.61 ? 2   DG  A N1    1 
ATOM   35  C  C2    . DG  A 1 2  ? 1.294   -8.478  13.321  1.00 12.55 ? 2   DG  A C2    1 
ATOM   36  N  N2    . DG  A 1 2  ? 0.367   -9.441  13.242  1.00 12.31 ? 2   DG  A N2    1 
ATOM   37  N  N3    . DG  A 1 2  ? 2.551   -8.724  12.975  1.00 13.01 ? 2   DG  A N3    1 
ATOM   38  C  C4    . DG  A 1 2  ? 3.333   -7.637  13.127  1.00 13.38 ? 2   DG  A C4    1 
ATOM   39  P  P     . DC  A 1 3  ? 7.537   -10.724 9.361   1.00 18.74 ? 3   DC  A P     1 
ATOM   40  O  OP1   . DC  A 1 3  ? 8.588   -11.744 9.294   1.00 18.75 ? 3   DC  A OP1   1 
ATOM   41  O  OP2   . DC  A 1 3  ? 7.766   -9.373  8.745   1.00 18.89 ? 3   DC  A OP2   1 
ATOM   42  O  "O5'" . DC  A 1 3  ? 6.242   -11.327 8.662   1.00 18.79 ? 3   DC  A "O5'" 1 
ATOM   43  C  "C5'" . DC  A 1 3  ? 5.485   -12.384 9.266   1.00 18.80 ? 3   DC  A "C5'" 1 
ATOM   44  C  "C4'" . DC  A 1 3  ? 4.010   -12.089 9.120   1.00 19.03 ? 3   DC  A "C4'" 1 
ATOM   45  O  "O4'" . DC  A 1 3  ? 3.696   -10.930 9.905   1.00 18.65 ? 3   DC  A "O4'" 1 
ATOM   46  C  "C3'" . DC  A 1 3  ? 3.578   -11.732 7.704   1.00 19.51 ? 3   DC  A "C3'" 1 
ATOM   47  O  "O3'" . DC  A 1 3  ? 3.161   -12.916 7.016   1.00 20.93 ? 3   DC  A "O3'" 1 
ATOM   48  C  "C2'" . DC  A 1 3  ? 2.395   -10.800 7.931   1.00 18.97 ? 3   DC  A "C2'" 1 
ATOM   49  C  "C1'" . DC  A 1 3  ? 2.535   -10.306 9.371   1.00 18.41 ? 3   DC  A "C1'" 1 
ATOM   50  N  N1    . DC  A 1 3  ? 2.681   -8.849  9.542   1.00 17.69 ? 3   DC  A N1    1 
ATOM   51  C  C2    . DC  A 1 3  ? 1.563   -8.086  9.893   1.00 17.39 ? 3   DC  A C2    1 
ATOM   52  O  O2    . DC  A 1 3  ? 0.453   -8.630  9.975   1.00 17.17 ? 3   DC  A O2    1 
ATOM   53  N  N3    . DC  A 1 3  ? 1.715   -6.764  10.134  1.00 17.14 ? 3   DC  A N3    1 
ATOM   54  C  C4    . DC  A 1 3  ? 2.917   -6.198  10.035  1.00 17.06 ? 3   DC  A C4    1 
ATOM   55  N  N4    . DC  A 1 3  ? 3.024   -4.901  10.355  1.00 17.01 ? 3   DC  A N4    1 
ATOM   56  C  C5    . DC  A 1 3  ? 4.061   -6.935  9.625   1.00 17.13 ? 3   DC  A C5    1 
ATOM   57  C  C6    . DC  A 1 3  ? 3.901   -8.247  9.390   1.00 17.48 ? 3   DC  A C6    1 
ATOM   58  P  P     . DG  A 1 4  ? 3.031   -12.907 5.407   1.00 21.66 ? 4   DG  A P     1 
ATOM   59  O  OP1   . DG  A 1 4  ? 3.065   -14.330 5.029   1.00 22.38 ? 4   DG  A OP1   1 
ATOM   60  O  OP2   . DG  A 1 4  ? 3.997   -11.950 4.798   1.00 21.67 ? 4   DG  A OP2   1 
ATOM   61  O  "O5'" . DG  A 1 4  ? 1.560   -12.360 5.144   1.00 21.60 ? 4   DG  A "O5'" 1 
ATOM   62  C  "C5'" . DG  A 1 4  ? 0.416   -13.013 5.731   1.00 21.03 ? 4   DG  A "C5'" 1 
ATOM   63  C  "C4'" . DG  A 1 4  ? -0.837  -12.211 5.461   1.00 20.76 ? 4   DG  A "C4'" 1 
ATOM   64  O  "O4'" . DG  A 1 4  ? -0.807  -10.959 6.187   1.00 20.23 ? 4   DG  A "O4'" 1 
ATOM   65  C  "C3'" . DG  A 1 4  ? -1.069  -11.835 3.996   1.00 20.75 ? 4   DG  A "C3'" 1 
ATOM   66  O  "O3'" . DG  A 1 4  ? -2.488  -11.751 3.832   1.00 21.47 ? 4   DG  A "O3'" 1 
ATOM   67  C  "C2'" . DG  A 1 4  ? -0.494  -10.434 3.928   1.00 20.17 ? 4   DG  A "C2'" 1 
ATOM   68  C  "C1'" . DG  A 1 4  ? -0.896  -9.874  5.280   1.00 19.51 ? 4   DG  A "C1'" 1 
ATOM   69  N  N9    . DG  A 1 4  ? -0.032  -8.805  5.766   1.00 18.71 ? 4   DG  A N9    1 
ATOM   70  C  C8    . DG  A 1 4  ? 1.332   -8.695  5.620   1.00 18.37 ? 4   DG  A C8    1 
ATOM   71  N  N7    . DG  A 1 4  ? 1.812   -7.582  6.114   1.00 17.97 ? 4   DG  A N7    1 
ATOM   72  C  C5    . DG  A 1 4  ? 0.701   -6.928  6.624   1.00 17.77 ? 4   DG  A C5    1 
ATOM   73  C  C6    . DG  A 1 4  ? 0.593   -5.675  7.248   1.00 17.39 ? 4   DG  A C6    1 
ATOM   74  O  O6    . DG  A 1 4  ? 1.475   -4.851  7.460   1.00 17.40 ? 4   DG  A O6    1 
ATOM   75  N  N1    . DG  A 1 4  ? -0.713  -5.397  7.623   1.00 17.17 ? 4   DG  A N1    1 
ATOM   76  C  C2    . DG  A 1 4  ? -1.788  -6.220  7.398   1.00 17.41 ? 4   DG  A C2    1 
ATOM   77  N  N2    . DG  A 1 4  ? -2.978  -5.773  7.823   1.00 17.40 ? 4   DG  A N2    1 
ATOM   78  N  N3    . DG  A 1 4  ? -1.705  -7.391  6.796   1.00 17.60 ? 4   DG  A N3    1 
ATOM   79  C  C4    . DG  A 1 4  ? -0.440  -7.680  6.438   1.00 18.02 ? 4   DG  A C4    1 
HETATM 80  P  P     . A47 A 1 5  ? -3.128  -11.567 2.370   1.00 21.63 ? 5   A47 A P     1 
HETATM 81  O  O1P   . A47 A 1 5  ? -3.812  -12.853 2.089   1.00 21.88 ? 5   A47 A O1P   1 
HETATM 82  O  O2P   . A47 A 1 5  ? -2.118  -11.034 1.404   1.00 21.73 ? 5   A47 A O2P   1 
HETATM 83  O  "O5'" . A47 A 1 5  ? -4.223  -10.436 2.609   1.00 20.73 ? 5   A47 A "O5'" 1 
HETATM 84  C  "C5'" . A47 A 1 5  ? -5.074  -10.470 3.760   1.00 19.16 ? 5   A47 A "C5'" 1 
HETATM 85  C  "C4'" . A47 A 1 5  ? -5.584  -9.082  4.067   1.00 18.33 ? 5   A47 A "C4'" 1 
HETATM 86  O  "O4'" . A47 A 1 5  ? -4.492  -8.225  4.483   1.00 18.07 ? 5   A47 A "O4'" 1 
HETATM 87  C  "C3'" . A47 A 1 5  ? -6.275  -8.366  2.903   1.00 17.78 ? 5   A47 A "C3'" 1 
HETATM 88  O  "O3'" . A47 A 1 5  ? -7.557  -7.919  3.365   1.00 17.30 ? 5   A47 A "O3'" 1 
HETATM 89  C  "C2'" . A47 A 1 5  ? -5.368  -7.183  2.586   1.00 17.57 ? 5   A47 A "C2'" 1 
HETATM 90  C  "C1'" . A47 A 1 5  ? -4.608  -6.949  3.879   1.00 17.22 ? 5   A47 A "C1'" 1 
HETATM 91  N  N9    . A47 A 1 5  ? -3.251  -6.417  3.728   1.00 16.64 ? 5   A47 A N9    1 
HETATM 92  C  C8    . A47 A 1 5  ? -2.176  -7.033  3.135   1.00 16.23 ? 5   A47 A C8    1 
HETATM 93  N  N7    . A47 A 1 5  ? -1.061  -6.345  3.209   1.00 16.02 ? 5   A47 A N7    1 
HETATM 94  C  C5    . A47 A 1 5  ? -1.428  -5.190  3.884   1.00 15.83 ? 5   A47 A C5    1 
HETATM 95  C  C6    . A47 A 1 5  ? -0.699  -4.059  4.290   1.00 15.54 ? 5   A47 A C6    1 
HETATM 96  N  N6    . A47 A 1 5  ? 0.685   -3.901  4.104   1.00 15.78 ? 5   A47 A N6    1 
HETATM 97  N  N1    . A47 A 1 5  ? -1.370  -3.087  4.939   1.00 15.49 ? 5   A47 A N1    1 
HETATM 98  C  C2    . A47 A 1 5  ? -2.676  -3.247  5.167   1.00 15.37 ? 5   A47 A C2    1 
HETATM 99  N  N3    . A47 A 1 5  ? -3.468  -4.262  4.841   1.00 15.63 ? 5   A47 A N3    1 
HETATM 100 C  C4    . A47 A 1 5  ? -2.778  -5.212  4.195   1.00 15.99 ? 5   A47 A C4    1 
HETATM 101 O  O1    . A47 A 1 5  ? 1.231   -4.817  3.139   1.00 16.40 ? 5   A47 A O1    1 
HETATM 102 C  C1    . A47 A 1 5  ? 2.455   -5.273  3.553   1.00 16.36 ? 5   A47 A C1    1 
ATOM   103 P  P     . DA  A 1 6  ? -8.568  -7.197  2.347   1.00 17.13 ? 6   DA  A P     1 
ATOM   104 O  OP1   . DA  A 1 6  ? -9.948  -7.367  2.890   1.00 16.99 ? 6   DA  A OP1   1 
ATOM   105 O  OP2   . DA  A 1 6  ? -8.265  -7.650  0.959   1.00 17.06 ? 6   DA  A OP2   1 
ATOM   106 O  "O5'" . DA  A 1 6  ? -8.183  -5.658  2.498   1.00 16.18 ? 6   DA  A "O5'" 1 
ATOM   107 C  "C5'" . DA  A 1 6  ? -8.480  -4.954  3.710   1.00 15.20 ? 6   DA  A "C5'" 1 
ATOM   108 C  "C4'" . DA  A 1 6  ? -8.058  -3.509  3.601   1.00 14.58 ? 6   DA  A "C4'" 1 
ATOM   109 O  "O4'" . DA  A 1 6  ? -6.624  -3.412  3.504   1.00 14.41 ? 6   DA  A "O4'" 1 
ATOM   110 C  "C3'" . DA  A 1 6  ? -8.624  -2.791  2.378   1.00 14.23 ? 6   DA  A "C3'" 1 
ATOM   111 O  "O3'" . DA  A 1 6  ? -9.433  -1.728  2.892   1.00 14.42 ? 6   DA  A "O3'" 1 
ATOM   112 C  "C2'" . DA  A 1 6  ? -7.408  -2.293  1.608   1.00 13.89 ? 6   DA  A "C2'" 1 
ATOM   113 C  "C1'" . DA  A 1 6  ? -6.265  -2.378  2.602   1.00 13.60 ? 6   DA  A "C1'" 1 
ATOM   114 N  N9    . DA  A 1 6  ? -4.960  -2.726  2.043   1.00 12.78 ? 6   DA  A N9    1 
ATOM   115 C  C8    . DA  A 1 6  ? -4.636  -3.840  1.316   1.00 12.31 ? 6   DA  A C8    1 
ATOM   116 N  N7    . DA  A 1 6  ? -3.367  -3.919  1.008   1.00 12.30 ? 6   DA  A N7    1 
ATOM   117 C  C5    . DA  A 1 6  ? -2.816  -2.773  1.561   1.00 12.14 ? 6   DA  A C5    1 
ATOM   118 C  C6    . DA  A 1 6  ? -1.497  -2.271  1.593   1.00 11.83 ? 6   DA  A C6    1 
ATOM   119 N  N6    . DA  A 1 6  ? -0.447  -2.900  1.069   1.00 11.38 ? 6   DA  A N6    1 
ATOM   120 N  N1    . DA  A 1 6  ? -1.296  -1.089  2.205   1.00 11.97 ? 6   DA  A N1    1 
ATOM   121 C  C2    . DA  A 1 6  ? -2.339  -0.465  2.760   1.00 12.11 ? 6   DA  A C2    1 
ATOM   122 N  N3    . DA  A 1 6  ? -3.615  -0.843  2.816   1.00 12.36 ? 6   DA  A N3    1 
ATOM   123 C  C4    . DA  A 1 6  ? -3.788  -2.019  2.187   1.00 12.44 ? 6   DA  A C4    1 
ATOM   124 P  P     . DT  A 1 7  ? -10.157 -0.704  1.895   1.00 14.60 ? 7   DT  A P     1 
ATOM   125 O  OP1   . DT  A 1 7  ? -11.299 -0.122  2.623   1.00 14.34 ? 7   DT  A OP1   1 
ATOM   126 O  OP2   . DT  A 1 7  ? -10.366 -1.328  0.556   1.00 14.63 ? 7   DT  A OP2   1 
ATOM   127 O  "O5'" . DT  A 1 7  ? -9.062  0.439   1.727   1.00 14.61 ? 7   DT  A "O5'" 1 
ATOM   128 C  "C5'" . DT  A 1 7  ? -8.442  1.014   2.882   1.00 14.76 ? 7   DT  A "C5'" 1 
ATOM   129 C  "C4'" . DT  A 1 7  ? -7.302  1.914   2.469   1.00 14.83 ? 7   DT  A "C4'" 1 
ATOM   130 O  "O4'" . DT  A 1 7  ? -6.200  1.147   1.970   1.00 14.77 ? 7   DT  A "O4'" 1 
ATOM   131 C  "C3'" . DT  A 1 7  ? -7.652  2.915   1.367   1.00 15.21 ? 7   DT  A "C3'" 1 
ATOM   132 O  "O3'" . DT  A 1 7  ? -7.627  4.215   1.950   1.00 16.00 ? 7   DT  A "O3'" 1 
ATOM   133 C  "C2'" . DT  A 1 7  ? -6.534  2.777   0.341   1.00 14.97 ? 7   DT  A "C2'" 1 
ATOM   134 C  "C1'" . DT  A 1 7  ? -5.481  1.958   1.062   1.00 14.51 ? 7   DT  A "C1'" 1 
ATOM   135 N  N1    . DT  A 1 7  ? -4.647  1.072   0.231   1.00 13.90 ? 7   DT  A N1    1 
ATOM   136 C  C2    . DT  A 1 7  ? -3.298  1.339   0.173   1.00 13.59 ? 7   DT  A C2    1 
ATOM   137 O  O2    . DT  A 1 7  ? -2.779  2.312   0.703   1.00 13.50 ? 7   DT  A O2    1 
ATOM   138 N  N3    . DT  A 1 7  ? -2.572  0.426   -0.528  1.00 13.24 ? 7   DT  A N3    1 
ATOM   139 C  C4    . DT  A 1 7  ? -3.032  -0.696  -1.165  1.00 13.10 ? 7   DT  A C4    1 
ATOM   140 O  O4    . DT  A 1 7  ? -2.235  -1.444  -1.702  1.00 12.90 ? 7   DT  A O4    1 
ATOM   141 C  C5    . DT  A 1 7  ? -4.462  -0.892  -1.114  1.00 13.23 ? 7   DT  A C5    1 
ATOM   142 C  C7    . DT  A 1 7  ? -5.058  -2.070  -1.815  1.00 13.35 ? 7   DT  A C7    1 
ATOM   143 C  C6    . DT  A 1 7  ? -5.193  -0.007  -0.430  1.00 13.35 ? 7   DT  A C6    1 
ATOM   144 P  P     . DT  A 1 8  ? -7.953  5.487   1.044   1.00 16.81 ? 8   DT  A P     1 
ATOM   145 O  OP1   . DT  A 1 8  ? -8.537  6.522   1.946   1.00 16.39 ? 8   DT  A OP1   1 
ATOM   146 O  OP2   . DT  A 1 8  ? -8.709  5.042   -0.151  1.00 16.46 ? 8   DT  A OP2   1 
ATOM   147 O  "O5'" . DT  A 1 8  ? -6.513  5.943   0.558   1.00 16.74 ? 8   DT  A "O5'" 1 
ATOM   148 C  "C5'" . DT  A 1 8  ? -5.502  6.284   1.530   1.00 16.61 ? 8   DT  A "C5'" 1 
ATOM   149 C  "C4'" . DT  A 1 8  ? -4.204  6.611   0.832   1.00 16.31 ? 8   DT  A "C4'" 1 
ATOM   150 O  "O4'" . DT  A 1 8  ? -3.664  5.428   0.213   1.00 15.97 ? 8   DT  A "O4'" 1 
ATOM   151 C  "C3'" . DT  A 1 8  ? -4.344  7.655   -0.279  1.00 16.57 ? 8   DT  A "C3'" 1 
ATOM   152 O  "O3'" . DT  A 1 8  ? -3.467  8.721   0.082   1.00 17.62 ? 8   DT  A "O3'" 1 
ATOM   153 C  "C2'" . DT  A 1 8  ? -3.866  6.950   -1.537  1.00 16.09 ? 8   DT  A "C2'" 1 
ATOM   154 C  "C1'" . DT  A 1 8  ? -3.052  5.787   -1.009  1.00 15.37 ? 8   DT  A "C1'" 1 
ATOM   155 N  N1    . DT  A 1 8  ? -3.021  4.590   -1.867  1.00 14.48 ? 8   DT  A N1    1 
ATOM   156 C  C2    . DT  A 1 8  ? -1.790  4.071   -2.204  1.00 14.11 ? 8   DT  A C2    1 
ATOM   157 O  O2    . DT  A 1 8  ? -0.728  4.608   -1.901  1.00 14.05 ? 8   DT  A O2    1 
ATOM   158 N  N3    . DT  A 1 8  ? -1.841  2.895   -2.917  1.00 13.60 ? 8   DT  A N3    1 
ATOM   159 C  C4    . DT  A 1 8  ? -2.979  2.207   -3.318  1.00 13.47 ? 8   DT  A C4    1 
ATOM   160 O  O4    . DT  A 1 8  ? -2.862  1.125   -3.884  1.00 13.23 ? 8   DT  A O4    1 
ATOM   161 C  C5    . DT  A 1 8  ? -4.237  2.851   -2.990  1.00 13.35 ? 8   DT  A C5    1 
ATOM   162 C  C7    . DT  A 1 8  ? -5.523  2.230   -3.447  1.00 13.24 ? 8   DT  A C7    1 
ATOM   163 C  C6    . DT  A 1 8  ? -4.193  3.991   -2.288  1.00 13.87 ? 8   DT  A C6    1 
ATOM   164 P  P     . DC  A 1 9  ? -3.126  9.882   -0.969  1.00 18.15 ? 9   DC  A P     1 
ATOM   165 O  OP1   . DC  A 1 9  ? -2.906  11.063  -0.101  1.00 18.49 ? 9   DC  A OP1   1 
ATOM   166 O  OP2   . DC  A 1 9  ? -4.157  9.926   -2.041  1.00 18.31 ? 9   DC  A OP2   1 
ATOM   167 O  "O5'" . DC  A 1 9  ? -1.743  9.408   -1.602  1.00 17.91 ? 9   DC  A "O5'" 1 
ATOM   168 C  "C5'" . DC  A 1 9  ? -0.615  9.150   -0.750  1.00 17.56 ? 9   DC  A "C5'" 1 
ATOM   169 C  "C4'" . DC  A 1 9  ? 0.609   8.815   -1.571  1.00 17.30 ? 9   DC  A "C4'" 1 
ATOM   170 O  "O4'" . DC  A 1 9  ? 0.418   7.570   -2.279  1.00 17.14 ? 9   DC  A "O4'" 1 
ATOM   171 C  "C3'" . DC  A 1 9  ? 0.999   9.856   -2.621  1.00 17.29 ? 9   DC  A "C3'" 1 
ATOM   172 O  "O3'" . DC  A 1 9  ? 2.415   10.070  -2.508  1.00 17.33 ? 9   DC  A "O3'" 1 
ATOM   173 C  "C2'" . DC  A 1 9  ? 0.646   9.200   -3.945  1.00 16.93 ? 9   DC  A "C2'" 1 
ATOM   174 C  "C1'" . DC  A 1 9  ? 0.750   7.715   -3.648  1.00 16.71 ? 9   DC  A "C1'" 1 
ATOM   175 N  N1    . DC  A 1 9  ? -0.160  6.836   -4.418  1.00 16.22 ? 9   DC  A N1    1 
ATOM   176 C  C2    . DC  A 1 9  ? 0.386   5.818   -5.210  1.00 16.01 ? 9   DC  A C2    1 
ATOM   177 O  O2    . DC  A 1 9  ? 1.617   5.729   -5.331  1.00 15.99 ? 9   DC  A O2    1 
ATOM   178 N  N3    . DC  A 1 9  ? -0.443  4.955   -5.831  1.00 15.66 ? 9   DC  A N3    1 
ATOM   179 C  C4    . DC  A 1 9  ? -1.764  5.086   -5.707  1.00 15.51 ? 9   DC  A C4    1 
ATOM   180 N  N4    . DC  A 1 9  ? -2.537  4.180   -6.309  1.00 15.41 ? 9   DC  A N4    1 
ATOM   181 C  C5    . DC  A 1 9  ? -2.346  6.137   -4.956  1.00 15.46 ? 9   DC  A C5    1 
ATOM   182 C  C6    . DC  A 1 9  ? -1.516  6.982   -4.328  1.00 15.90 ? 9   DC  A C6    1 
ATOM   183 P  P     . DG  A 1 10 ? 3.063   11.470  -2.979  1.00 17.73 ? 10  DG  A P     1 
ATOM   184 O  OP1   . DG  A 1 10 ? 4.330   11.629  -2.222  1.00 17.47 ? 10  DG  A OP1   1 
ATOM   185 O  OP2   . DG  A 1 10 ? 2.063   12.562  -2.986  1.00 17.27 ? 10  DG  A OP2   1 
ATOM   186 O  "O5'" . DG  A 1 10 ? 3.461   11.183  -4.486  1.00 17.25 ? 10  DG  A "O5'" 1 
ATOM   187 C  "C5'" . DG  A 1 10 ? 4.442   10.189  -4.790  1.00 17.18 ? 10  DG  A "C5'" 1 
ATOM   188 C  "C4'" . DG  A 1 10 ? 4.372   9.823   -6.253  1.00 17.07 ? 10  DG  A "C4'" 1 
ATOM   189 O  "O4'" . DG  A 1 10 ? 3.238   8.975   -6.537  1.00 16.79 ? 10  DG  A "O4'" 1 
ATOM   190 C  "C3'" . DG  A 1 10 ? 4.245   11.029  -7.194  1.00 17.32 ? 10  DG  A "C3'" 1 
ATOM   191 O  "O3'" . DG  A 1 10 ? 5.116   10.760  -8.306  1.00 18.26 ? 10  DG  A "O3'" 1 
ATOM   192 C  "C2'" . DG  A 1 10 ? 2.800   10.947  -7.666  1.00 16.71 ? 10  DG  A "C2'" 1 
ATOM   193 C  "C1'" . DG  A 1 10 ? 2.651   9.442   -7.732  1.00 15.92 ? 10  DG  A "C1'" 1 
ATOM   194 N  N9    . DG  A 1 10 ? 1.323   8.852   -7.860  1.00 14.88 ? 10  DG  A N9    1 
ATOM   195 C  C8    . DG  A 1 10 ? 0.102   9.378   -7.520  1.00 14.49 ? 10  DG  A C8    1 
ATOM   196 N  N7    . DG  A 1 10 ? -0.895  8.581   -7.813  1.00 14.16 ? 10  DG  A N7    1 
ATOM   197 C  C5    . DG  A 1 10 ? -0.285  7.463   -8.366  1.00 13.75 ? 10  DG  A C5    1 
ATOM   198 C  C6    . DG  A 1 10 ? -0.840  6.268   -8.878  1.00 13.35 ? 10  DG  A C6    1 
ATOM   199 O  O6    . DG  A 1 10 ? -2.030  5.933   -8.944  1.00 13.69 ? 10  DG  A O6    1 
ATOM   200 N  N1    . DG  A 1 10 ? 0.142   5.408   -9.355  1.00 13.00 ? 10  DG  A N1    1 
ATOM   201 C  C2    . DG  A 1 10 ? 1.480   5.664   -9.344  1.00 13.11 ? 10  DG  A C2    1 
ATOM   202 N  N2    . DG  A 1 10 ? 2.264   4.729   -9.889  1.00 12.79 ? 10  DG  A N2    1 
ATOM   203 N  N3    . DG  A 1 10 ? 2.015   6.764   -8.847  1.00 13.41 ? 10  DG  A N3    1 
ATOM   204 C  C4    . DG  A 1 10 ? 1.080   7.616   -8.389  1.00 13.97 ? 10  DG  A C4    1 
ATOM   205 P  P     . DC  A 1 11 ? 6.602   11.382  -8.333  1.00 19.05 ? 11  DC  A P     1 
ATOM   206 O  OP1   . DC  A 1 11 ? 7.106   11.512  -6.938  1.00 19.04 ? 11  DC  A OP1   1 
ATOM   207 O  OP2   . DC  A 1 11 ? 6.563   12.578  -9.198  1.00 19.25 ? 11  DC  A OP2   1 
ATOM   208 O  "O5'" . DC  A 1 11 ? 7.453   10.243  -9.051  1.00 18.72 ? 11  DC  A "O5'" 1 
ATOM   209 C  "C5'" . DC  A 1 11 ? 7.768   9.005   -8.365  1.00 18.64 ? 11  DC  A "C5'" 1 
ATOM   210 C  "C4'" . DC  A 1 11 ? 7.805   7.849   -9.343  1.00 18.50 ? 11  DC  A "C4'" 1 
ATOM   211 O  "O4'" . DC  A 1 11 ? 6.475   7.434   -9.728  1.00 18.09 ? 11  DC  A "O4'" 1 
ATOM   212 C  "C3'" . DC  A 1 11 ? 8.563   8.072   -10.650 1.00 18.57 ? 11  DC  A "C3'" 1 
ATOM   213 O  "O3'" . DC  A 1 11 ? 9.148   6.805   -10.995 1.00 19.61 ? 11  DC  A "O3'" 1 
ATOM   214 C  "C2'" . DC  A 1 11 ? 7.450   8.424   -11.621 1.00 17.93 ? 11  DC  A "C2'" 1 
ATOM   215 C  "C1'" . DC  A 1 11 ? 6.316   7.534   -11.141 1.00 17.26 ? 11  DC  A "C1'" 1 
ATOM   216 N  N1    . DC  A 1 11 ? 4.938   8.001   -11.399 1.00 16.32 ? 11  DC  A N1    1 
ATOM   217 C  C2    . DC  A 1 11 ? 3.990   7.076   -11.856 1.00 15.84 ? 11  DC  A C2    1 
ATOM   218 O  O2    . DC  A 1 11 ? 4.364   5.937   -12.183 1.00 15.77 ? 11  DC  A O2    1 
ATOM   219 N  N3    . DC  A 1 11 ? 2.696   7.447   -11.934 1.00 15.53 ? 11  DC  A N3    1 
ATOM   220 C  C4    . DC  A 1 11 ? 2.334   8.680   -11.597 1.00 15.19 ? 11  DC  A C4    1 
ATOM   221 N  N4    . DC  A 1 11 ? 1.034   8.968   -11.595 1.00 15.16 ? 11  DC  A N4    1 
ATOM   222 C  C5    . DC  A 1 11 ? 3.289   9.667   -11.220 1.00 15.41 ? 11  DC  A C5    1 
ATOM   223 C  C6    . DC  A 1 11 ? 4.567   9.289   -11.139 1.00 15.72 ? 11  DC  A C6    1 
ATOM   224 P  P     . DG  A 1 12 ? 10.296  6.716   -12.123 1.00 20.78 ? 12  DG  A P     1 
ATOM   225 O  OP1   . DG  A 1 12 ? 11.149  5.549   -11.812 1.00 20.87 ? 12  DG  A OP1   1 
ATOM   226 O  OP2   . DG  A 1 12 ? 10.925  8.046   -12.356 1.00 21.42 ? 12  DG  A OP2   1 
ATOM   227 O  "O5'" . DG  A 1 12 ? 9.482   6.379   -13.441 1.00 20.47 ? 12  DG  A "O5'" 1 
ATOM   228 C  "C5'" . DG  A 1 12 ? 9.190   5.027   -13.813 1.00 19.85 ? 12  DG  A "C5'" 1 
ATOM   229 C  "C4'" . DG  A 1 12 ? 8.422   5.032   -15.111 1.00 19.18 ? 12  DG  A "C4'" 1 
ATOM   230 O  "O4'" . DG  A 1 12 ? 7.167   5.656   -14.821 1.00 18.97 ? 12  DG  A "O4'" 1 
ATOM   231 C  "C3'" . DG  A 1 12 ? 9.076   5.908   -16.188 1.00 19.06 ? 12  DG  A "C3'" 1 
ATOM   232 O  "O3'" . DG  A 1 12 ? 9.747   5.100   -17.156 1.00 18.97 ? 12  DG  A "O3'" 1 
ATOM   233 C  "C2'" . DG  A 1 12 ? 7.938   6.769   -16.725 1.00 18.78 ? 12  DG  A "C2'" 1 
ATOM   234 C  "C1'" . DG  A 1 12 ? 6.696   6.269   -16.002 1.00 18.31 ? 12  DG  A "C1'" 1 
ATOM   235 N  N9    . DG  A 1 12 ? 5.732   7.292   -15.618 1.00 17.66 ? 12  DG  A N9    1 
ATOM   236 C  C8    . DG  A 1 12 ? 5.990   8.492   -15.002 1.00 17.41 ? 12  DG  A C8    1 
ATOM   237 N  N7    . DG  A 1 12 ? 4.911   9.170   -14.736 1.00 17.28 ? 12  DG  A N7    1 
ATOM   238 C  C5    . DG  A 1 12 ? 3.877   8.375   -15.220 1.00 17.09 ? 12  DG  A C5    1 
ATOM   239 C  C6    . DG  A 1 12 ? 2.471   8.586   -15.221 1.00 16.89 ? 12  DG  A C6    1 
ATOM   240 O  O6    . DG  A 1 12 ? 1.826   9.542   -14.771 1.00 16.68 ? 12  DG  A O6    1 
ATOM   241 N  N1    . DG  A 1 12 ? 1.800   7.533   -15.825 1.00 16.99 ? 12  DG  A N1    1 
ATOM   242 C  C2    . DG  A 1 12 ? 2.398   6.421   -16.365 1.00 17.13 ? 12  DG  A C2    1 
ATOM   243 N  N2    . DG  A 1 12 ? 1.576   5.517   -16.935 1.00 17.08 ? 12  DG  A N2    1 
ATOM   244 N  N3    . DG  A 1 12 ? 3.704   6.210   -16.358 1.00 17.21 ? 12  DG  A N3    1 
ATOM   245 C  C4    . DG  A 1 12 ? 4.374   7.220   -15.775 1.00 17.28 ? 12  DG  A C4    1 
ATOM   246 O  "O5'" . DC  B 1 1  ? -6.793  8.180   -18.227 1.00 22.90 ? 13  DC  B "O5'" 1 
ATOM   247 C  "C5'" . DC  B 1 1  ? -6.634  7.426   -19.408 1.00 21.92 ? 13  DC  B "C5'" 1 
ATOM   248 C  "C4'" . DC  B 1 1  ? -5.651  6.314   -19.136 1.00 21.79 ? 13  DC  B "C4'" 1 
ATOM   249 O  "O4'" . DC  B 1 1  ? -4.430  6.866   -18.599 1.00 21.57 ? 13  DC  B "O4'" 1 
ATOM   250 C  "C3'" . DC  B 1 1  ? -6.150  5.294   -18.116 1.00 21.80 ? 13  DC  B "C3'" 1 
ATOM   251 O  "O3'" . DC  B 1 1  ? -5.996  4.003   -18.711 1.00 21.91 ? 13  DC  B "O3'" 1 
ATOM   252 C  "C2'" . DC  B 1 1  ? -5.229  5.458   -16.914 1.00 21.55 ? 13  DC  B "C2'" 1 
ATOM   253 C  "C1'" . DC  B 1 1  ? -3.981  6.101   -17.494 1.00 21.23 ? 13  DC  B "C1'" 1 
ATOM   254 N  N1    . DC  B 1 1  ? -3.261  7.016   -16.588 1.00 20.69 ? 13  DC  B N1    1 
ATOM   255 C  C2    . DC  B 1 1  ? -1.857  6.945   -16.500 1.00 20.25 ? 13  DC  B C2    1 
ATOM   256 O  O2    . DC  B 1 1  ? -1.256  6.066   -17.115 1.00 19.94 ? 13  DC  B O2    1 
ATOM   257 N  N3    . DC  B 1 1  ? -1.197  7.844   -15.739 1.00 20.11 ? 13  DC  B N3    1 
ATOM   258 C  C4    . DC  B 1 1  ? -1.877  8.777   -15.068 1.00 20.14 ? 13  DC  B C4    1 
ATOM   259 N  N4    . DC  B 1 1  ? -1.188  9.659   -14.348 1.00 20.15 ? 13  DC  B N4    1 
ATOM   260 C  C5    . DC  B 1 1  ? -3.295  8.850   -15.109 1.00 20.48 ? 13  DC  B C5    1 
ATOM   261 C  C6    . DC  B 1 1  ? -3.944  7.955   -15.869 1.00 20.61 ? 13  DC  B C6    1 
ATOM   262 P  P     . DG  B 1 2  ? -6.668  2.724   -18.023 1.00 22.06 ? 14  DG  B P     1 
ATOM   263 O  OP1   . DG  B 1 2  ? -7.276  1.911   -19.110 1.00 22.18 ? 14  DG  B OP1   1 
ATOM   264 O  OP2   . DG  B 1 2  ? -7.505  3.176   -16.881 1.00 22.19 ? 14  DG  B OP2   1 
ATOM   265 O  "O5'" . DG  B 1 2  ? -5.415  1.943   -17.438 1.00 21.27 ? 14  DG  B "O5'" 1 
ATOM   266 C  "C5'" . DG  B 1 2  ? -4.342  1.542   -18.295 1.00 20.15 ? 14  DG  B "C5'" 1 
ATOM   267 C  "C4'" . DG  B 1 2  ? -3.105  1.262   -17.474 1.00 19.25 ? 14  DG  B "C4'" 1 
ATOM   268 O  "O4'" . DG  B 1 2  ? -2.680  2.478   -16.835 1.00 18.95 ? 14  DG  B "O4'" 1 
ATOM   269 C  "C3'" . DG  B 1 2  ? -3.335  0.259   -16.345 1.00 18.93 ? 14  DG  B "C3'" 1 
ATOM   270 O  "O3'" . DG  B 1 2  ? -2.674  -0.959  -16.691 1.00 18.74 ? 14  DG  B "O3'" 1 
ATOM   271 C  "C2'" . DG  B 1 2  ? -2.685  0.900   -15.123 1.00 18.62 ? 14  DG  B "C2'" 1 
ATOM   272 C  "C1'" . DG  B 1 2  ? -1.981  2.140   -15.660 1.00 18.17 ? 14  DG  B "C1'" 1 
ATOM   273 N  N9    . DG  B 1 2  ? -2.019  3.299   -14.777 1.00 17.33 ? 14  DG  B N9    1 
ATOM   274 C  C8    . DG  B 1 2  ? -3.146  3.934   -14.336 1.00 17.09 ? 14  DG  B C8    1 
ATOM   275 N  N7    . DG  B 1 2  ? -2.892  4.969   -13.586 1.00 16.97 ? 14  DG  B N7    1 
ATOM   276 C  C5    . DG  B 1 2  ? -1.511  5.019   -13.518 1.00 16.43 ? 14  DG  B C5    1 
ATOM   277 C  C6    . DG  B 1 2  ? -0.675  5.930   -12.855 1.00 16.17 ? 14  DG  B C6    1 
ATOM   278 O  O6    . DG  B 1 2  ? -0.996  6.917   -12.192 1.00 15.88 ? 14  DG  B O6    1 
ATOM   279 N  N1    . DG  B 1 2  ? 0.665   5.616   -13.028 1.00 15.87 ? 14  DG  B N1    1 
ATOM   280 C  C2    . DG  B 1 2  ? 1.139   4.558   -13.759 1.00 16.14 ? 14  DG  B C2    1 
ATOM   281 N  N2    . DG  B 1 2  ? 2.480   4.423   -13.786 1.00 15.77 ? 14  DG  B N2    1 
ATOM   282 N  N3    . DG  B 1 2  ? 0.358   3.698   -14.408 1.00 16.29 ? 14  DG  B N3    1 
ATOM   283 C  C4    . DG  B 1 2  ? -0.949  3.989   -14.240 1.00 16.73 ? 14  DG  B C4    1 
ATOM   284 P  P     . DC  B 1 3  ? -2.705  -2.195  -15.667 1.00 18.72 ? 15  DC  B P     1 
ATOM   285 O  OP1   . DC  B 1 3  ? -2.568  -3.445  -16.440 1.00 18.73 ? 15  DC  B OP1   1 
ATOM   286 O  OP2   . DC  B 1 3  ? -3.856  -2.004  -14.732 1.00 18.69 ? 15  DC  B OP2   1 
ATOM   287 O  "O5'" . DC  B 1 3  ? -1.373  -2.028  -14.818 1.00 18.08 ? 15  DC  B "O5'" 1 
ATOM   288 C  "C5'" . DC  B 1 3  ? -0.108  -1.843  -15.453 1.00 17.06 ? 15  DC  B "C5'" 1 
ATOM   289 C  "C4'" . DC  B 1 3  ? 0.849   -1.195  -14.480 1.00 16.27 ? 15  DC  B "C4'" 1 
ATOM   290 O  "O4'" . DC  B 1 3  ? 0.347   0.101   -14.114 1.00 16.03 ? 15  DC  B "O4'" 1 
ATOM   291 C  "C3'" . DC  B 1 3  ? 0.999   -1.933  -13.161 1.00 16.06 ? 15  DC  B "C3'" 1 
ATOM   292 O  "O3'" . DC  B 1 3  ? 2.014   -2.935  -13.258 1.00 16.11 ? 15  DC  B "O3'" 1 
ATOM   293 C  "C2'" . DC  B 1 3  ? 1.459   -0.826  -12.231 1.00 16.10 ? 15  DC  B "C2'" 1 
ATOM   294 C  "C1'" . DC  B 1 3  ? 0.905   0.458   -12.846 1.00 15.48 ? 15  DC  B "C1'" 1 
ATOM   295 N  N1    . DC  B 1 3  ? -0.136  1.133   -12.049 1.00 14.91 ? 15  DC  B N1    1 
ATOM   296 C  C2    . DC  B 1 3  ? 0.223   2.249   -11.300 1.00 14.48 ? 15  DC  B C2    1 
ATOM   297 O  O2    . DC  B 1 3  ? 1.416   2.565   -11.252 1.00 14.47 ? 15  DC  B O2    1 
ATOM   298 N  N3    . DC  B 1 3  ? -0.735  2.947   -10.638 1.00 14.07 ? 15  DC  B N3    1 
ATOM   299 C  C4    . DC  B 1 3  ? -2.009  2.542   -10.693 1.00 14.20 ? 15  DC  B C4    1 
ATOM   300 N  N4    . DC  B 1 3  ? -2.929  3.277   -10.073 1.00 14.17 ? 15  DC  B N4    1 
ATOM   301 C  C5    . DC  B 1 3  ? -2.397  1.368   -11.402 1.00 14.12 ? 15  DC  B C5    1 
ATOM   302 C  C6    . DC  B 1 3  ? -1.438  0.697   -12.060 1.00 14.56 ? 15  DC  B C6    1 
ATOM   303 P  P     . DG  B 1 4  ? 2.162   -4.023  -12.087 1.00 16.25 ? 16  DG  B P     1 
ATOM   304 O  OP1   . DG  B 1 4  ? 2.712   -5.256  -12.670 1.00 16.35 ? 16  DG  B OP1   1 
ATOM   305 O  OP2   . DG  B 1 4  ? 0.869   -4.067  -11.358 1.00 16.48 ? 16  DG  B OP2   1 
ATOM   306 O  "O5'" . DG  B 1 4  ? 3.244   -3.385  -11.101 1.00 16.16 ? 16  DG  B "O5'" 1 
ATOM   307 C  "C5'" . DG  B 1 4  ? 4.546   -3.009  -11.567 1.00 15.85 ? 16  DG  B "C5'" 1 
ATOM   308 C  "C4'" . DG  B 1 4  ? 5.251   -2.175  -10.519 1.00 15.77 ? 16  DG  B "C4'" 1 
ATOM   309 O  "O4'" . DG  B 1 4  ? 4.453   -1.006  -10.200 1.00 15.55 ? 16  DG  B "O4'" 1 
ATOM   310 C  "C3'" . DG  B 1 4  ? 5.517   -2.886  -9.187  1.00 15.99 ? 16  DG  B "C3'" 1 
ATOM   311 O  "O3'" . DG  B 1 4  ? 6.820   -2.477  -8.737  1.00 16.61 ? 16  DG  B "O3'" 1 
ATOM   312 C  "C2'" . DG  B 1 4  ? 4.423   -2.366  -8.274  1.00 15.57 ? 16  DG  B "C2'" 1 
ATOM   313 C  "C1'" . DG  B 1 4  ? 4.150   -0.972  -8.803  1.00 15.09 ? 16  DG  B "C1'" 1 
ATOM   314 N  N9    . DG  B 1 4  ? 2.760   -0.547  -8.640  1.00 14.04 ? 16  DG  B N9    1 
ATOM   315 C  C8    . DG  B 1 4  ? 1.630   -1.268  -8.940  1.00 13.55 ? 16  DG  B C8    1 
ATOM   316 N  N7    . DG  B 1 4  ? 0.525   -0.632  -8.650  1.00 13.16 ? 16  DG  B N7    1 
ATOM   317 C  C5    . DG  B 1 4  ? 0.953   0.579   -8.127  1.00 13.12 ? 16  DG  B C5    1 
ATOM   318 C  C6    . DG  B 1 4  ? 0.209   1.674   -7.628  1.00 12.78 ? 16  DG  B C6    1 
ATOM   319 O  O6    . DG  B 1 4  ? -1.011  1.798   -7.529  1.00 12.47 ? 16  DG  B O6    1 
ATOM   320 N  N1    . DG  B 1 4  ? 1.038   2.713   -7.215  1.00 12.74 ? 16  DG  B N1    1 
ATOM   321 C  C2    . DG  B 1 4  ? 2.407   2.704   -7.292  1.00 12.92 ? 16  DG  B C2    1 
ATOM   322 N  N2    . DG  B 1 4  ? 3.027   3.839   -6.896  1.00 12.95 ? 16  DG  B N2    1 
ATOM   323 N  N3    . DG  B 1 4  ? 3.118   1.678   -7.733  1.00 13.15 ? 16  DG  B N3    1 
ATOM   324 C  C4    . DG  B 1 4  ? 2.329   0.657   -8.130  1.00 13.43 ? 16  DG  B C4    1 
HETATM 325 O  O3P   . A47 B 1 5  ? 8.678   -2.756  -7.147  1.00 17.54 ? 17  A47 B O3P   1 
HETATM 326 P  P     . A47 B 1 5  ? 7.214   -2.553  -7.180  1.00 17.42 ? 17  A47 B P     1 
HETATM 327 O  O2P   . A47 B 1 5  ? 6.326   -3.494  -6.441  1.00 17.69 ? 17  A47 B O2P   1 
HETATM 328 O  "O5'" . A47 B 1 5  ? 6.942   -1.079  -6.670  1.00 17.17 ? 17  A47 B "O5'" 1 
HETATM 329 C  "C5'" . A47 B 1 5  ? 7.615   0.032   -7.269  1.00 16.74 ? 17  A47 B "C5'" 1 
HETATM 330 C  "C4'" . A47 B 1 5  ? 7.442   1.260   -6.407  1.00 16.44 ? 17  A47 B "C4'" 1 
HETATM 331 O  "O4'" . A47 B 1 5  ? 6.033   1.548   -6.233  1.00 16.18 ? 17  A47 B "O4'" 1 
HETATM 332 C  "C3'" . A47 B 1 5  ? 8.017   1.116   -4.999  1.00 16.22 ? 17  A47 B "C3'" 1 
HETATM 333 O  "O3'" . A47 B 1 5  ? 8.471   2.415   -4.626  1.00 16.52 ? 17  A47 B "O3'" 1 
HETATM 334 C  "C2'" . A47 B 1 5  ? 6.810   0.710   -4.171  1.00 15.90 ? 17  A47 B "C2'" 1 
HETATM 335 C  "C1'" . A47 B 1 5  ? 5.660   1.431   -4.857  1.00 15.47 ? 17  A47 B "C1'" 1 
HETATM 336 N  N9    . A47 B 1 5  ? 4.349   0.770   -4.799  1.00 14.45 ? 17  A47 B N9    1 
HETATM 337 C  C8    . A47 B 1 5  ? 4.025   -0.510  -5.182  1.00 14.17 ? 17  A47 B C8    1 
HETATM 338 N  N7    . A47 B 1 5  ? 2.743   -0.790  -5.077  1.00 13.60 ? 17  A47 B N7    1 
HETATM 339 C  C5    . A47 B 1 5  ? 2.188   0.380   -4.580  1.00 13.41 ? 17  A47 B C5    1 
HETATM 340 C  C6    . A47 B 1 5  ? 0.860   0.748   -4.267  1.00 13.09 ? 17  A47 B C6    1 
HETATM 341 N  N6    . A47 B 1 5  ? -0.275  -0.070  -4.488  1.00 12.74 ? 17  A47 B N6    1 
HETATM 342 N  N1    . A47 B 1 5  ? 0.656   1.989   -3.792  1.00 13.17 ? 17  A47 B N1    1 
HETATM 343 C  C2    . A47 B 1 5  ? 1.710   2.814   -3.654  1.00 13.35 ? 17  A47 B C2    1 
HETATM 344 N  N3    . A47 B 1 5  ? 2.993   2.592   -3.926  1.00 13.59 ? 17  A47 B N3    1 
HETATM 345 C  C4    . A47 B 1 5  ? 3.170   1.344   -4.388  1.00 13.80 ? 17  A47 B C4    1 
HETATM 346 O  O1    . A47 B 1 5  ? 0.053   -1.457  -4.633  1.00 13.03 ? 17  A47 B O1    1 
HETATM 347 C  C1    . A47 B 1 5  ? -0.553  -1.967  -5.754  1.00 13.17 ? 17  A47 B C1    1 
ATOM   348 P  P     . DA  B 1 6  ? 9.269   2.623   -3.250  1.00 16.89 ? 18  DA  B P     1 
ATOM   349 O  OP1   . DA  B 1 6  ? 10.220  3.749   -3.503  1.00 17.13 ? 18  DA  B OP1   1 
ATOM   350 O  OP2   . DA  B 1 6  ? 9.777   1.322   -2.777  1.00 16.90 ? 18  DA  B OP2   1 
ATOM   351 O  "O5'" . DA  B 1 6  ? 8.152   3.142   -2.250  1.00 16.45 ? 18  DA  B "O5'" 1 
ATOM   352 C  "C5'" . DA  B 1 6  ? 7.514   4.406   -2.475  1.00 16.03 ? 18  DA  B "C5'" 1 
ATOM   353 C  "C4'" . DA  B 1 6  ? 6.416   4.618   -1.460  1.00 15.53 ? 18  DA  B "C4'" 1 
ATOM   354 O  "O4'" . DA  B 1 6  ? 5.363   3.668   -1.721  1.00 14.98 ? 18  DA  B "O4'" 1 
ATOM   355 C  "C3'" . DA  B 1 6  ? 6.859   4.378   -0.010  1.00 15.75 ? 18  DA  B "C3'" 1 
ATOM   356 O  "O3'" . DA  B 1 6  ? 6.854   5.655   0.659   1.00 16.85 ? 18  DA  B "O3'" 1 
ATOM   357 C  "C2'" . DA  B 1 6  ? 5.816   3.421   0.562   1.00 15.03 ? 18  DA  B "C2'" 1 
ATOM   358 C  "C1'" . DA  B 1 6  ? 4.727   3.344   -0.499  1.00 14.05 ? 18  DA  B "C1'" 1 
ATOM   359 N  N9    . DA  B 1 6  ? 4.056   2.054   -0.676  1.00 12.81 ? 18  DA  B N9    1 
ATOM   360 C  C8    . DA  B 1 6  ? 4.594   0.837   -1.032  1.00 12.16 ? 18  DA  B C8    1 
ATOM   361 N  N7    . DA  B 1 6  ? 3.692   -0.103  -1.224  1.00 11.73 ? 18  DA  B N7    1 
ATOM   362 C  C5    . DA  B 1 6  ? 2.488   0.530   -0.949  1.00 11.57 ? 18  DA  B C5    1 
ATOM   363 C  C6    . DA  B 1 6  ? 1.150   0.088   -0.992  1.00 11.44 ? 18  DA  B C6    1 
ATOM   364 N  N6    . DA  B 1 6  ? 0.782   -1.144  -1.376  1.00 10.98 ? 18  DA  B N6    1 
ATOM   365 N  N1    . DA  B 1 6  ? 0.189   0.969   -0.644  1.00 11.17 ? 18  DA  B N1    1 
ATOM   366 C  C2    . DA  B 1 6  ? 0.546   2.210   -0.303  1.00 11.53 ? 18  DA  B C2    1 
ATOM   367 N  N3    . DA  B 1 6  ? 1.759   2.752   -0.243  1.00 11.69 ? 18  DA  B N3    1 
ATOM   368 C  C4    . DA  B 1 6  ? 2.698   1.848   -0.581  1.00 12.04 ? 18  DA  B C4    1 
ATOM   369 P  P     . DT  B 1 7  ? 7.069   5.743   2.259   1.00 17.51 ? 19  DT  B P     1 
ATOM   370 O  OP1   . DT  B 1 7  ? 7.323   7.174   2.568   1.00 17.83 ? 19  DT  B OP1   1 
ATOM   371 O  OP2   . DT  B 1 7  ? 8.038   4.711   2.689   1.00 17.54 ? 19  DT  B OP2   1 
ATOM   372 O  "O5'" . DT  B 1 7  ? 5.621   5.435   2.830   1.00 16.86 ? 19  DT  B "O5'" 1 
ATOM   373 C  "C5'" . DT  B 1 7  ? 4.525   6.266   2.438   1.00 16.21 ? 19  DT  B "C5'" 1 
ATOM   374 C  "C4'" . DT  B 1 7  ? 3.232   5.737   3.011   1.00 15.92 ? 19  DT  B "C4'" 1 
ATOM   375 O  "O4'" . DT  B 1 7  ? 2.978   4.435   2.460   1.00 15.37 ? 19  DT  B "O4'" 1 
ATOM   376 C  "C3'" . DT  B 1 7  ? 3.174   5.571   4.536   1.00 15.84 ? 19  DT  B "C3'" 1 
ATOM   377 O  "O3'" . DT  B 1 7  ? 2.278   6.580   5.033   1.00 16.90 ? 19  DT  B "O3'" 1 
ATOM   378 C  "C2'" . DT  B 1 7  ? 2.593   4.177   4.746   1.00 15.41 ? 19  DT  B "C2'" 1 
ATOM   379 C  "C1'" . DT  B 1 7  ? 2.131   3.748   3.364   1.00 14.46 ? 19  DT  B "C1'" 1 
ATOM   380 N  N1    . DT  B 1 7  ? 2.204   2.308   3.044   1.00 13.45 ? 19  DT  B N1    1 
ATOM   381 C  C2    . DT  B 1 7  ? 1.017   1.620   2.919   1.00 12.79 ? 19  DT  B C2    1 
ATOM   382 O  O2    . DT  B 1 7  ? -0.069  2.122   3.138   1.00 12.61 ? 19  DT  B O2    1 
ATOM   383 N  N3    . DT  B 1 7  ? 1.149   0.318   2.533   1.00 12.58 ? 19  DT  B N3    1 
ATOM   384 C  C4    . DT  B 1 7  ? 2.316   -0.358  2.273   1.00 12.55 ? 19  DT  B C4    1 
ATOM   385 O  O4    . DT  B 1 7  ? 2.269   -1.523  1.915   1.00 12.93 ? 19  DT  B O4    1 
ATOM   386 C  C5    . DT  B 1 7  ? 3.533   0.411   2.455   1.00 12.63 ? 19  DT  B C5    1 
ATOM   387 C  C7    . DT  B 1 7  ? 4.854   -0.244  2.202   1.00 12.48 ? 19  DT  B C7    1 
ATOM   388 C  C6    . DT  B 1 7  ? 3.413   1.685   2.838   1.00 12.83 ? 19  DT  B C6    1 
ATOM   389 P  P     . DT  B 1 8  ? 2.009   6.734   6.616   1.00 17.65 ? 20  DT  B P     1 
ATOM   390 O  OP1   . DT  B 1 8  ? 1.532   8.122   6.830   1.00 17.95 ? 20  DT  B OP1   1 
ATOM   391 O  OP2   . DT  B 1 8  ? 3.160   6.211   7.407   1.00 17.79 ? 20  DT  B OP2   1 
ATOM   392 O  "O5'" . DT  B 1 8  ? 0.745   5.796   6.862   1.00 17.89 ? 20  DT  B "O5'" 1 
ATOM   393 C  "C5'" . DT  B 1 8  ? -0.452  5.981   6.091   1.00 18.04 ? 20  DT  B "C5'" 1 
ATOM   394 C  "C4'" . DT  B 1 8  ? -1.437  4.869   6.373   1.00 18.05 ? 20  DT  B "C4'" 1 
ATOM   395 O  "O4'" . DT  B 1 8  ? -0.980  3.607   5.838   1.00 17.61 ? 20  DT  B "O4'" 1 
ATOM   396 C  "C3'" . DT  B 1 8  ? -1.710  4.630   7.859   1.00 18.39 ? 20  DT  B "C3'" 1 
ATOM   397 O  "O3'" . DT  B 1 8  ? -3.135  4.638   8.000   1.00 19.90 ? 20  DT  B "O3'" 1 
ATOM   398 C  "C2'" . DT  B 1 8  ? -1.154  3.239   8.118   1.00 17.86 ? 20  DT  B "C2'" 1 
ATOM   399 C  "C1'" . DT  B 1 8  ? -1.277  2.584   6.757   1.00 16.83 ? 20  DT  B "C1'" 1 
ATOM   400 N  N1    . DT  B 1 8  ? -0.371  1.459   6.479   1.00 15.83 ? 20  DT  B N1    1 
ATOM   401 C  C2    . DT  B 1 8  ? -0.936  0.293   6.038   1.00 15.25 ? 20  DT  B C2    1 
ATOM   402 O  O2    . DT  B 1 8  ? -2.148  0.132   5.954   1.00 15.56 ? 20  DT  B O2    1 
ATOM   403 N  N3    . DT  B 1 8  ? -0.044  -0.684  5.700   1.00 14.53 ? 20  DT  B N3    1 
ATOM   404 C  C4    . DT  B 1 8  ? 1.330   -0.622  5.766   1.00 14.45 ? 20  DT  B C4    1 
ATOM   405 O  O4    . DT  B 1 8  ? 1.998   -1.560  5.353   1.00 13.98 ? 20  DT  B O4    1 
ATOM   406 C  C5    . DT  B 1 8  ? 1.862   0.604   6.315   1.00 14.76 ? 20  DT  B C5    1 
ATOM   407 C  C7    . DT  B 1 8  ? 3.341   0.728   6.523   1.00 14.65 ? 20  DT  B C7    1 
ATOM   408 C  C6    . DT  B 1 8  ? 0.994   1.577   6.629   1.00 15.25 ? 20  DT  B C6    1 
ATOM   409 P  P     . DC  B 1 9  ? -3.808  4.730   9.459   1.00 20.75 ? 21  DC  B P     1 
ATOM   410 O  OP1   . DC  B 1 9  ? -4.931  5.682   9.243   1.00 21.05 ? 21  DC  B OP1   1 
ATOM   411 O  OP2   . DC  B 1 9  ? -2.803  4.985   10.530  1.00 20.90 ? 21  DC  B OP2   1 
ATOM   412 O  "O5'" . DC  B 1 9  ? -4.419  3.274   9.681   1.00 19.96 ? 21  DC  B "O5'" 1 
ATOM   413 C  "C5'" . DC  B 1 9  ? -5.407  2.757   8.775   1.00 19.16 ? 21  DC  B "C5'" 1 
ATOM   414 C  "C4'" . DC  B 1 9  ? -5.529  1.260   8.940   1.00 18.58 ? 21  DC  B "C4'" 1 
ATOM   415 O  "O4'" . DC  B 1 9  ? -4.324  0.594   8.522   1.00 17.82 ? 21  DC  B "O4'" 1 
ATOM   416 C  "C3'" . DC  B 1 9  ? -5.753  0.849   10.395  1.00 18.57 ? 21  DC  B "C3'" 1 
ATOM   417 O  "O3'" . DC  B 1 9  ? -7.107  0.397   10.537  1.00 19.22 ? 21  DC  B "O3'" 1 
ATOM   418 C  "C2'" . DC  B 1 9  ? -4.759  -0.282  10.638  1.00 17.94 ? 21  DC  B "C2'" 1 
ATOM   419 C  "C1'" . DC  B 1 9  ? -4.188  -0.599  9.266   1.00 17.20 ? 21  DC  B "C1'" 1 
ATOM   420 N  N1    . DC  B 1 9  ? -2.770  -0.992  9.233   1.00 16.33 ? 21  DC  B N1    1 
ATOM   421 C  C2    . DC  B 1 9  ? -2.432  -2.275  8.781   1.00 15.77 ? 21  DC  B C2    1 
ATOM   422 O  O2    . DC  B 1 9  ? -3.335  -3.077  8.525   1.00 15.63 ? 21  DC  B O2    1 
ATOM   423 N  N3    . DC  B 1 9  ? -1.129  -2.610  8.644   1.00 15.56 ? 21  DC  B N3    1 
ATOM   424 C  C4    . DC  B 1 9  ? -0.176  -1.727  8.958   1.00 15.24 ? 21  DC  B C4    1 
ATOM   425 N  N4    . DC  B 1 9  ? 1.087   -2.083  8.753   1.00 14.87 ? 21  DC  B N4    1 
ATOM   426 C  C5    . DC  B 1 9  ? -0.486  -0.434  9.480   1.00 15.48 ? 21  DC  B C5    1 
ATOM   427 C  C6    . DC  B 1 9  ? -1.786  -0.108  9.599   1.00 15.91 ? 21  DC  B C6    1 
ATOM   428 P  P     . DG  B 1 10 ? -7.769  0.317   12.000  1.00 19.80 ? 22  DG  B P     1 
ATOM   429 O  OP1   . DG  B 1 10 ? -9.236  0.452   11.826  1.00 19.84 ? 22  DG  B OP1   1 
ATOM   430 O  OP2   . DG  B 1 10 ? -7.055  1.215   12.931  1.00 19.55 ? 22  DG  B OP2   1 
ATOM   431 O  "O5'" . DG  B 1 10 ? -7.431  -1.164  12.454  1.00 19.25 ? 22  DG  B "O5'" 1 
ATOM   432 C  "C5'" . DG  B 1 10 ? -7.936  -2.282  11.725  1.00 18.83 ? 22  DG  B "C5'" 1 
ATOM   433 C  "C4'" . DG  B 1 10 ? -7.315  -3.554  12.255  1.00 18.43 ? 22  DG  B "C4'" 1 
ATOM   434 O  "O4'" . DG  B 1 10 ? -5.934  -3.640  11.839  1.00 17.82 ? 22  DG  B "O4'" 1 
ATOM   435 C  "C3'" . DG  B 1 10 ? -7.297  -3.618  13.787  1.00 18.50 ? 22  DG  B "C3'" 1 
ATOM   436 O  "O3'" . DG  B 1 10 ? -7.521  -4.978  14.170  1.00 19.23 ? 22  DG  B "O3'" 1 
ATOM   437 C  "C2'" . DG  B 1 10 ? -5.864  -3.249  14.126  1.00 17.79 ? 22  DG  B "C2'" 1 
ATOM   438 C  "C1'" . DG  B 1 10 ? -5.148  -3.921  12.975  1.00 17.11 ? 22  DG  B "C1'" 1 
ATOM   439 N  N9    . DG  B 1 10 ? -3.780  -3.498  12.709  1.00 16.02 ? 22  DG  B N9    1 
ATOM   440 C  C8    . DG  B 1 10 ? -3.186  -2.292  12.996  1.00 15.65 ? 22  DG  B C8    1 
ATOM   441 N  N7    . DG  B 1 10 ? -1.916  -2.266  12.689  1.00 15.29 ? 22  DG  B N7    1 
ATOM   442 C  C5    . DG  B 1 10 ? -1.669  -3.526  12.150  1.00 14.96 ? 22  DG  B C5    1 
ATOM   443 C  C6    . DG  B 1 10 ? -0.483  -4.095  11.632  1.00 14.62 ? 22  DG  B C6    1 
ATOM   444 O  O6    . DG  B 1 10 ? 0.641   -3.592  11.527  1.00 14.60 ? 22  DG  B O6    1 
ATOM   445 N  N1    . DG  B 1 10 ? -0.695  -5.397  11.194  1.00 14.59 ? 22  DG  B N1    1 
ATOM   446 C  C2    . DG  B 1 10 ? -1.889  -6.061  11.227  1.00 14.38 ? 22  DG  B C2    1 
ATOM   447 N  N2    . DG  B 1 10 ? -1.892  -7.316  10.752  1.00 14.29 ? 22  DG  B N2    1 
ATOM   448 N  N3    . DG  B 1 10 ? -2.996  -5.540  11.690  1.00 14.74 ? 22  DG  B N3    1 
ATOM   449 C  C4    . DG  B 1 10 ? -2.817  -4.283  12.140  1.00 15.18 ? 22  DG  B C4    1 
ATOM   450 P  P     . DC  B 1 11 ? -8.235  -5.316  15.572  1.00 19.88 ? 23  DC  B P     1 
ATOM   451 O  OP1   . DC  B 1 11 ? -9.682  -5.011  15.404  1.00 19.95 ? 23  DC  B OP1   1 
ATOM   452 O  OP2   . DC  B 1 11 ? -7.475  -4.705  16.706  1.00 19.96 ? 23  DC  B OP2   1 
ATOM   453 O  "O5'" . DC  B 1 11 ? -8.065  -6.897  15.670  1.00 19.33 ? 23  DC  B "O5'" 1 
ATOM   454 C  "C5'" . DC  B 1 11 ? -8.501  -7.745  14.590  1.00 18.28 ? 23  DC  B "C5'" 1 
ATOM   455 C  "C4'" . DC  B 1 11 ? -7.398  -8.700  14.196  1.00 17.69 ? 23  DC  B "C4'" 1 
ATOM   456 O  "O4'" . DC  B 1 11 ? -6.301  -8.002  13.572  1.00 17.00 ? 23  DC  B "O4'" 1 
ATOM   457 C  "C3'" . DC  B 1 11 ? -6.783  -9.448  15.368  1.00 17.45 ? 23  DC  B "C3'" 1 
ATOM   458 O  "O3'" . DC  B 1 11 ? -7.515  -10.655 15.629  1.00 17.58 ? 23  DC  B "O3'" 1 
ATOM   459 C  "C2'" . DC  B 1 11 ? -5.416  -9.815  14.829  1.00 17.04 ? 23  DC  B "C2'" 1 
ATOM   460 C  "C1'" . DC  B 1 11 ? -5.077  -8.679  13.866  1.00 16.60 ? 23  DC  B "C1'" 1 
ATOM   461 N  N1    . DC  B 1 11 ? -4.126  -7.697  14.411  1.00 15.51 ? 23  DC  B N1    1 
ATOM   462 C  C2    . DC  B 1 11 ? -2.764  -7.899  14.219  1.00 15.04 ? 23  DC  B C2    1 
ATOM   463 O  O2    . DC  B 1 11 ? -2.378  -8.950  13.666  1.00 14.76 ? 23  DC  B O2    1 
ATOM   464 N  N3    . DC  B 1 11 ? -1.892  -6.951  14.645  1.00 14.76 ? 23  DC  B N3    1 
ATOM   465 C  C4    . DC  B 1 11 ? -2.346  -5.849  15.250  1.00 14.81 ? 23  DC  B C4    1 
ATOM   466 N  N4    . DC  B 1 11 ? -1.460  -4.900  15.593  1.00 14.55 ? 23  DC  B N4    1 
ATOM   467 C  C5    . DC  B 1 11 ? -3.726  -5.656  15.514  1.00 14.91 ? 23  DC  B C5    1 
ATOM   468 C  C6    . DC  B 1 11 ? -4.573  -6.593  15.078  1.00 15.26 ? 23  DC  B C6    1 
ATOM   469 P  P     . DG  B 1 12 ? -7.293  -11.429 17.021  1.00 17.57 ? 24  DG  B P     1 
ATOM   470 O  OP1   . DG  B 1 12 ? -8.425  -12.412 17.131  1.00 17.68 ? 24  DG  B OP1   1 
ATOM   471 O  OP2   . DG  B 1 12 ? -7.087  -10.430 18.112  1.00 17.29 ? 24  DG  B OP2   1 
ATOM   472 O  "O5'" . DG  B 1 12 ? -5.928  -12.221 16.810  1.00 16.82 ? 24  DG  B "O5'" 1 
ATOM   473 C  "C5'" . DG  B 1 12 ? -5.813  -13.268 15.828  1.00 16.12 ? 24  DG  B "C5'" 1 
ATOM   474 C  "C4'" . DG  B 1 12 ? -4.372  -13.708 15.701  1.00 15.80 ? 24  DG  B "C4'" 1 
ATOM   475 O  "O4'" . DG  B 1 12 ? -3.579  -12.614 15.188  1.00 15.34 ? 24  DG  B "O4'" 1 
ATOM   476 C  "C3'" . DG  B 1 12 ? -3.724  -14.097 17.026  1.00 15.67 ? 24  DG  B "C3'" 1 
ATOM   477 O  "O3'" . DG  B 1 12 ? -3.980  -15.471 17.382  1.00 15.60 ? 24  DG  B "O3'" 1 
ATOM   478 C  "C2'" . DG  B 1 12 ? -2.263  -13.777 16.786  1.00 15.57 ? 24  DG  B "C2'" 1 
ATOM   479 C  "C1'" . DG  B 1 12 ? -2.309  -12.575 15.842  1.00 15.31 ? 24  DG  B "C1'" 1 
ATOM   480 N  N9    . DG  B 1 12 ? -2.174  -11.273 16.491  1.00 14.52 ? 24  DG  B N9    1 
ATOM   481 C  C8    . DG  B 1 12 ? -3.173  -10.548 17.091  1.00 14.55 ? 24  DG  B C8    1 
ATOM   482 N  N7    . DG  B 1 12 ? -2.767  -9.391  17.549  1.00 14.49 ? 24  DG  B N7    1 
ATOM   483 C  C5    . DG  B 1 12 ? -1.417  -9.354  17.235  1.00 14.36 ? 24  DG  B C5    1 
ATOM   484 C  C6    . DG  B 1 12 ? -0.457  -8.339  17.453  1.00 14.17 ? 24  DG  B C6    1 
ATOM   485 O  O6    . DG  B 1 12 ? -0.623  -7.223  17.948  1.00 14.17 ? 24  DG  B O6    1 
ATOM   486 N  N1    . DG  B 1 12 ? 0.804   -8.716  17.006  1.00 13.95 ? 24  DG  B N1    1 
ATOM   487 C  C2    . DG  B 1 12 ? 1.101   -9.916  16.413  1.00 14.12 ? 24  DG  B C2    1 
ATOM   488 N  N2    . DG  B 1 12 ? 2.401   -10.120 16.100  1.00 14.07 ? 24  DG  B N2    1 
ATOM   489 N  N3    . DG  B 1 12 ? 0.199   -10.859 16.159  1.00 14.21 ? 24  DG  B N3    1 
ATOM   490 C  C4    . DG  B 1 12 ? -1.028  -10.516 16.600  1.00 14.49 ? 24  DG  B C4    1 
HETATM 491 MG MG    . MG  C 2 .  ? 3.145   -1.178  14.191  1.00 13.78 ? 26  MG  A MG    1 
HETATM 492 N  N1    . SPM D 3 .  ? -2.761  16.183  -5.607  1.00 56.95 ? 25  SPM B N1    1 
HETATM 493 C  C2    . SPM D 3 .  ? -3.249  15.385  -6.728  1.00 56.97 ? 25  SPM B C2    1 
HETATM 494 C  C3    . SPM D 3 .  ? -4.731  15.022  -6.578  1.00 56.94 ? 25  SPM B C3    1 
HETATM 495 C  C4    . SPM D 3 .  ? -5.237  14.183  -7.754  1.00 56.88 ? 25  SPM B C4    1 
HETATM 496 N  N5    . SPM D 3 .  ? -4.858  12.778  -7.632  1.00 56.78 ? 25  SPM B N5    1 
HETATM 497 C  C6    . SPM D 3 .  ? -5.318  11.945  -8.738  1.00 56.72 ? 25  SPM B C6    1 
HETATM 498 C  C7    . SPM D 3 .  ? -4.161  11.448  -9.616  1.00 56.66 ? 25  SPM B C7    1 
HETATM 499 C  C8    . SPM D 3 .  ? -4.345  9.978   -10.003 1.00 56.58 ? 25  SPM B C8    1 
HETATM 500 C  C9    . SPM D 3 .  ? -3.225  9.433   -10.901 1.00 56.45 ? 25  SPM B C9    1 
HETATM 501 N  N10   . SPM D 3 .  ? -3.367  7.995   -11.106 1.00 56.31 ? 25  SPM B N10   1 
HETATM 502 C  C11   . SPM D 3 .  ? -4.628  7.628   -11.734 1.00 56.30 ? 25  SPM B C11   1 
HETATM 503 C  C12   . SPM D 3 .  ? -4.770  6.120   -11.934 1.00 56.34 ? 25  SPM B C12   1 
HETATM 504 C  C13   . SPM D 3 .  ? -5.522  5.446   -10.781 1.00 56.36 ? 25  SPM B C13   1 
HETATM 505 N  N14   . SPM D 3 .  ? -6.629  4.614   -11.252 1.00 56.30 ? 25  SPM B N14   1 
HETATM 506 O  O     . HOH E 4 .  ? -13.565 -2.021  2.392   1.00 16.94 ? 27  HOH A O     1 
HETATM 507 O  O     . HOH E 4 .  ? -0.453  6.193   2.157   1.00 20.56 ? 28  HOH A O     1 
HETATM 508 O  O     . HOH E 4 .  ? -8.568  -0.604  -1.379  1.00 14.42 ? 30  HOH A O     1 
HETATM 509 O  O     . HOH E 4 .  ? 1.142   5.664   -0.045  1.00 13.92 ? 32  HOH A O     1 
HETATM 510 O  O     . HOH E 4 .  ? -15.836 -0.693  2.359   1.00 22.58 ? 35  HOH A O     1 
HETATM 511 O  O     . HOH E 4 .  ? -6.863  -5.653  -0.588  1.00 22.97 ? 37  HOH A O     1 
HETATM 512 O  O     . HOH E 4 .  ? 11.103  6.906   -18.602 1.00 23.74 ? 39  HOH A O     1 
HETATM 513 O  O     . HOH E 4 .  ? -4.649  3.762   4.411   1.00 25.04 ? 40  HOH A O     1 
HETATM 514 O  O     . HOH E 4 .  ? -8.731  -3.787  -2.191  1.00 22.14 ? 41  HOH A O     1 
HETATM 515 O  O     . HOH E 4 .  ? 4.056   -4.472  7.201   1.00 22.08 ? 42  HOH A O     1 
HETATM 516 O  O     . HOH E 4 .  ? 6.791   -0.325  12.265  1.00 21.09 ? 44  HOH A O     1 
HETATM 517 O  O     . HOH E 4 .  ? -2.032  3.825   2.699   1.00 17.65 ? 45  HOH A O     1 
HETATM 518 O  O     . HOH E 4 .  ? -2.200  -3.781  -3.044  1.00 23.07 ? 47  HOH A O     1 
HETATM 519 O  O     . HOH E 4 .  ? -4.552  6.697   -8.261  1.00 24.11 ? 48  HOH A O     1 
HETATM 520 O  O     . HOH E 4 .  ? 8.060   10.653  -4.764  1.00 30.31 ? 50  HOH A O     1 
HETATM 521 O  O     . HOH E 4 .  ? -4.340  -0.562  -5.343  1.00 19.53 ? 52  HOH A O     1 
HETATM 522 O  O     . HOH E 4 .  ? 0.546   -2.014  17.210  1.00 26.45 ? 53  HOH A O     1 
HETATM 523 O  O     . HOH E 4 .  ? 5.735   -1.070  9.644   1.00 18.38 ? 54  HOH A O     1 
HETATM 524 O  O     . HOH E 4 .  ? 8.114   -4.833  9.745   1.00 24.53 ? 58  HOH A O     1 
HETATM 525 O  O     . HOH E 4 .  ? 9.517   9.408   -14.523 1.00 29.22 ? 63  HOH A O     1 
HETATM 526 O  O     . HOH E 4 .  ? 4.650   6.121   -8.062  1.00 33.45 ? 64  HOH A O     1 
HETATM 527 O  O     . HOH E 4 .  ? 11.631  2.592   -18.426 1.00 28.91 ? 65  HOH A O     1 
HETATM 528 O  O     . HOH E 4 .  ? -5.492  -3.435  6.362   1.00 22.32 ? 69  HOH A O     1 
HETATM 529 O  O     . HOH E 4 .  ? 4.591   -7.021  6.170   1.00 41.15 ? 72  HOH A O     1 
HETATM 530 O  O     . HOH E 4 .  ? -6.370  5.801   -4.222  1.00 23.52 ? 73  HOH A O     1 
HETATM 531 O  O     . HOH E 4 .  ? 0.619   11.683  -10.480 1.00 25.37 ? 74  HOH A O     1 
HETATM 532 O  O     . HOH E 4 .  ? -10.301 -7.309  5.785   1.00 34.74 ? 78  HOH A O     1 
HETATM 533 O  O     . HOH E 4 .  ? 7.945   -14.935 9.599   1.00 27.11 ? 82  HOH A O     1 
HETATM 534 O  O     . HOH E 4 .  ? 5.314   -3.619  9.385   1.00 27.72 ? 83  HOH A O     1 
HETATM 535 O  O     . HOH E 4 .  ? 12.107  4.215   -16.060 1.00 32.14 ? 84  HOH A O     1 
HETATM 536 O  O     . HOH E 4 .  ? 11.089  9.060   -16.841 1.00 38.47 ? 85  HOH A O     1 
HETATM 537 O  O     . HOH E 4 .  ? -11.324 -3.091  6.076   1.00 30.30 ? 88  HOH A O     1 
HETATM 538 O  O     . HOH E 4 .  ? -7.527  -10.142 -0.408  1.00 73.32 ? 91  HOH A O     1 
HETATM 539 O  O     . HOH E 4 .  ? -2.431  -5.855  -0.842  1.00 22.50 ? 94  HOH A O     1 
HETATM 540 O  O     . HOH E 4 .  ? 9.451   13.416  -15.692 1.00 38.30 ? 95  HOH A O     1 
HETATM 541 O  O     . HOH E 4 .  ? 5.635   11.579  -13.642 1.00 36.65 ? 101 HOH A O     1 
HETATM 542 O  O     . HOH E 4 .  ? -3.484  9.376   -7.149  1.00 27.20 ? 103 HOH A O     1 
HETATM 543 O  O     . HOH E 4 .  ? -4.905  -6.924  -2.364  1.00 33.73 ? 105 HOH A O     1 
HETATM 544 O  O     . HOH E 4 .  ? 13.910  5.540   -19.056 1.00 44.89 ? 107 HOH A O     1 
HETATM 545 O  O     . HOH E 4 .  ? -11.276 -0.462  5.347   1.00 23.63 ? 113 HOH A O     1 
HETATM 546 O  O     . HOH E 4 .  ? -8.026  4.493   -2.526  1.00 33.59 ? 115 HOH A O     1 
HETATM 547 O  O     . HOH E 4 .  ? 5.031   9.090   -1.083  1.00 40.38 ? 116 HOH A O     1 
HETATM 548 O  O     . HOH E 4 .  ? -13.931 0.371   7.019   1.00 45.26 ? 122 HOH A O     1 
HETATM 549 O  O     . HOH E 4 .  ? 6.350   -11.056 5.514   1.00 37.41 ? 125 HOH A O     1 
HETATM 550 O  O     . HOH E 4 .  ? -2.776  -11.949 -1.196  1.00 55.21 ? 134 HOH A O     1 
HETATM 551 O  O     . HOH E 4 .  ? -11.866 2.147   3.613   1.00 40.46 ? 135 HOH A O     1 
HETATM 552 O  O     . HOH E 4 .  ? -9.896  4.262   4.228   1.00 68.65 ? 136 HOH A O     1 
HETATM 553 O  O     . HOH E 4 .  ? 2.987   -9.824  1.830   1.00 61.73 ? 141 HOH A O     1 
HETATM 554 O  O     . HOH E 4 .  ? -0.210  -8.317  -1.327  1.00 67.72 ? 144 HOH A O     1 
HETATM 555 O  O     . HOH E 4 .  ? 10.881  11.387  -2.966  1.00 65.43 ? 146 HOH A O     1 
HETATM 556 O  O     . HOH E 4 .  ? 1.888   -2.607  14.977  1.00 14.17 ? 147 HOH A O     1 
HETATM 557 O  O     . HOH E 4 .  ? 4.395   0.240   13.364  1.00 14.33 ? 148 HOH A O     1 
HETATM 558 O  O     . HOH E 4 .  ? 4.042   -0.913  16.006  1.00 13.95 ? 150 HOH A O     1 
HETATM 559 O  O     . HOH E 4 .  ? 4.517   -2.636  13.762  1.00 13.95 ? 152 HOH A O     1 
HETATM 560 O  O     . HOH F 4 .  ? -3.212  0.239   -7.779  1.00 17.46 ? 29  HOH B O     1 
HETATM 561 O  O     . HOH F 4 .  ? 3.967   -3.060  0.974   1.00 19.02 ? 31  HOH B O     1 
HETATM 562 O  O     . HOH F 4 .  ? 3.851   5.245   -3.677  1.00 14.71 ? 33  HOH B O     1 
HETATM 563 O  O     . HOH F 4 .  ? 7.854   -2.538  -13.579 1.00 24.04 ? 34  HOH B O     1 
HETATM 564 O  O     . HOH F 4 .  ? -0.648  0.124   13.648  1.00 21.24 ? 36  HOH B O     1 
HETATM 565 O  O     . HOH F 4 .  ? -1.744  -1.825  -9.386  1.00 29.59 ? 38  HOH B O     1 
HETATM 566 O  O     . HOH F 4 .  ? -2.345  -6.148  19.665  1.00 26.81 ? 43  HOH B O     1 
HETATM 567 O  O     . HOH F 4 .  ? -4.553  0.552   4.922   1.00 20.86 ? 46  HOH B O     1 
HETATM 568 O  O     . HOH F 4 .  ? -1.476  -2.890  -18.986 1.00 23.86 ? 49  HOH B O     1 
HETATM 569 O  O     . HOH F 4 .  ? 2.960   -0.253  9.892   1.00 15.84 ? 51  HOH B O     1 
HETATM 570 O  O     . HOH F 4 .  ? 3.656   6.657   -1.292  1.00 11.26 ? 55  HOH B O     1 
HETATM 571 O  O     . HOH F 4 .  ? -3.117  -2.353  -11.963 1.00 21.45 ? 56  HOH B O     1 
HETATM 572 O  O     . HOH F 4 .  ? 4.442   -2.243  5.305   1.00 20.73 ? 57  HOH B O     1 
HETATM 573 O  O     . HOH F 4 .  ? -1.601  -4.860  -12.194 1.00 22.02 ? 59  HOH B O     1 
HETATM 574 O  O     . HOH F 4 .  ? -2.404  -4.929  -20.488 1.00 32.35 ? 60  HOH B O     1 
HETATM 575 O  O     . HOH F 4 .  ? 2.406   -3.432  -5.281  1.00 23.77 ? 61  HOH B O     1 
HETATM 576 O  O     . HOH F 4 .  ? 4.485   -2.433  -1.785  1.00 33.74 ? 62  HOH B O     1 
HETATM 577 O  O     . HOH F 4 .  ? 5.929   6.003   -5.329  1.00 23.79 ? 66  HOH B O     1 
HETATM 578 O  O     . HOH F 4 .  ? 6.910   4.255   -7.608  1.00 28.71 ? 67  HOH B O     1 
HETATM 579 O  O     . HOH F 4 .  ? -6.973  -0.639  6.073   1.00 20.31 ? 68  HOH B O     1 
HETATM 580 O  O     . HOH F 4 .  ? 10.572  1.433   -7.224  1.00 27.77 ? 70  HOH B O     1 
HETATM 581 O  O     . HOH F 4 .  ? -5.884  -5.569  18.427  1.00 26.60 ? 71  HOH B O     1 
HETATM 582 O  O     . HOH F 4 .  ? 8.352   -0.440  -0.962  1.00 35.66 ? 75  HOH B O     1 
HETATM 583 O  O     . HOH F 4 .  ? -7.702  4.688   11.821  1.00 38.98 ? 76  HOH B O     1 
HETATM 584 O  O     . HOH F 4 .  ? -2.576  -3.983  -7.810  1.00 27.35 ? 77  HOH B O     1 
HETATM 585 O  O     . HOH F 4 .  ? -10.045 -0.532  9.628   1.00 32.45 ? 79  HOH B O     1 
HETATM 586 O  O     . HOH F 4 .  ? 10.962  3.818   0.435   1.00 41.76 ? 80  HOH B O     1 
HETATM 587 O  O     . HOH F 4 .  ? -9.176  1.145   -15.861 1.00 38.42 ? 81  HOH B O     1 
HETATM 588 O  O     . HOH F 4 .  ? -3.536  7.351   4.719   1.00 35.14 ? 86  HOH B O     1 
HETATM 589 O  O     . HOH F 4 .  ? -3.852  -3.656  -5.418  1.00 26.38 ? 87  HOH B O     1 
HETATM 590 O  O     . HOH F 4 .  ? -9.274  0.326   7.051   1.00 34.91 ? 89  HOH B O     1 
HETATM 591 O  O     . HOH F 4 .  ? -0.924  2.368   11.381  1.00 26.59 ? 90  HOH B O     1 
HETATM 592 O  O     . HOH F 4 .  ? 0.483   -6.422  -14.334 1.00 48.29 ? 92  HOH B O     1 
HETATM 593 O  O     . HOH F 4 .  ? -1.361  -10.113 -16.188 1.00 31.75 ? 93  HOH B O     1 
HETATM 594 O  O     . HOH F 4 .  ? -7.021  2.719   -22.003 1.00 28.47 ? 96  HOH B O     1 
HETATM 595 O  O     . HOH F 4 .  ? -0.789  -7.396  -19.148 1.00 31.52 ? 97  HOH B O     1 
HETATM 596 O  O     . HOH F 4 .  ? -0.291  13.899  -14.146 1.00 32.29 ? 98  HOH B O     1 
HETATM 597 O  O     . HOH F 4 .  ? -2.498  -2.405  16.656  1.00 27.87 ? 99  HOH B O     1 
HETATM 598 O  O     . HOH F 4 .  ? -8.221  3.084   6.584   1.00 40.23 ? 100 HOH B O     1 
HETATM 599 O  O     . HOH F 4 .  ? 0.364   -4.525  -3.492  1.00 39.69 ? 102 HOH B O     1 
HETATM 600 O  O     . HOH F 4 .  ? -2.901  12.172  -13.561 1.00 35.10 ? 104 HOH B O     1 
HETATM 601 O  O     . HOH F 4 .  ? 0.241   -4.942  -9.090  1.00 28.47 ? 106 HOH B O     1 
HETATM 602 O  O     . HOH F 4 .  ? 2.701   3.978   8.342   1.00 28.02 ? 108 HOH B O     1 
HETATM 603 O  O     . HOH F 4 .  ? -3.525  8.671   -20.246 1.00 30.18 ? 109 HOH B O     1 
HETATM 604 O  O     . HOH F 4 .  ? 6.257   2.501   4.586   1.00 27.17 ? 110 HOH B O     1 
HETATM 605 O  O     . HOH F 4 .  ? 1.818   -6.285  -20.990 1.00 36.88 ? 111 HOH B O     1 
HETATM 606 O  O     . HOH F 4 .  ? 1.210   -9.008  -15.672 1.00 37.92 ? 112 HOH B O     1 
HETATM 607 O  O     . HOH F 4 .  ? 7.733   8.203   -1.964  1.00 46.47 ? 114 HOH B O     1 
HETATM 608 O  O     . HOH F 4 .  ? -2.529  9.491   6.919   1.00 41.04 ? 117 HOH B O     1 
HETATM 609 O  O     . HOH F 4 .  ? 12.590  1.229   0.136   1.00 31.10 ? 118 HOH B O     1 
HETATM 610 O  O     . HOH F 4 .  ? -3.091  -7.953  -17.156 1.00 67.33 ? 119 HOH B O     1 
HETATM 611 O  O     . HOH F 4 .  ? 5.254   9.587   3.906   1.00 38.59 ? 120 HOH B O     1 
HETATM 612 O  O     . HOH F 4 .  ? -5.829  -4.156  -14.399 1.00 37.28 ? 121 HOH B O     1 
HETATM 613 O  O     . HOH F 4 .  ? 9.728   7.359   -0.360  1.00 37.68 ? 123 HOH B O     1 
HETATM 614 O  O     . HOH F 4 .  ? 0.712   -4.702  -17.545 1.00 58.12 ? 124 HOH B O     1 
HETATM 615 O  O     . HOH F 4 .  ? -6.942  7.953   -14.165 1.00 34.52 ? 126 HOH B O     1 
HETATM 616 O  O     . HOH F 4 .  ? 1.962   1.978   11.382  1.00 31.01 ? 127 HOH B O     1 
HETATM 617 O  O     . HOH F 4 .  ? 10.470  6.040   2.645   1.00 38.39 ? 128 HOH B O     1 
HETATM 618 O  O     . HOH F 4 .  ? 11.595  0.236   -4.540  1.00 45.10 ? 129 HOH B O     1 
HETATM 619 O  O     . HOH F 4 .  ? -9.391  13.066  -7.173  1.00 43.46 ? 130 HOH B O     1 
HETATM 620 O  O     . HOH F 4 .  ? -5.940  -0.914  -18.355 1.00 50.54 ? 131 HOH B O     1 
HETATM 621 O  O     . HOH F 4 .  ? -2.904  5.836   -31.427 1.00 40.95 ? 132 HOH B O     1 
HETATM 622 O  O     . HOH F 4 .  ? 3.011   9.439   1.635   1.00 53.10 ? 133 HOH B O     1 
HETATM 623 O  O     . HOH F 4 .  ? -1.544  14.536  -2.867  1.00 75.37 ? 137 HOH B O     1 
HETATM 624 O  O     . HOH F 4 .  ? 7.030   -1.228  6.016   1.00 49.41 ? 138 HOH B O     1 
HETATM 625 O  O     . HOH F 4 .  ? 10.793  -2.068  -5.720  1.00 59.06 ? 139 HOH B O     1 
HETATM 626 O  O     . HOH F 4 .  ? -11.992 -1.164  -16.400 1.00 66.92 ? 140 HOH B O     1 
HETATM 627 O  O     . HOH F 4 .  ? -4.877  0.226   14.990  1.00 46.81 ? 142 HOH B O     1 
HETATM 628 O  O     . HOH F 4 .  ? -8.197  -10.329 20.794  1.00 78.98 ? 143 HOH B O     1 
HETATM 629 O  O     . HOH F 4 .  ? 5.649   3.881   7.205   1.00 42.85 ? 145 HOH B O     1 
HETATM 630 O  O     . HOH F 4 .  ? 2.207   -1.451  12.359  1.00 14.12 ? 149 HOH B O     1 
HETATM 631 O  O     . HOH F 4 .  ? 1.799   0.284   14.656  1.00 14.13 ? 151 HOH B O     1 
# 
